data_8YJF
#
_entry.id   8YJF
#
_cell.length_a   190.405
_cell.length_b   190.405
_cell.length_c   79.832
_cell.angle_alpha   90.000
_cell.angle_beta   90.000
_cell.angle_gamma   120.000
#
_symmetry.space_group_name_H-M   'P 61'
#
loop_
_entity.id
_entity.type
_entity.pdbx_description
1 polymer 'FACT complex subunit SPT16'
2 polymer 'DNA replication licensing factor MCM2'
3 polymer 'Histone H3.1'
4 polymer 'Histone H4'
5 polymer 'Histone H2B type 2-E'
6 polymer 'Histone H2A type 1-D'
#
loop_
_entity_poly.entity_id
_entity_poly.type
_entity_poly.pdbx_seq_one_letter_code
_entity_poly.pdbx_strand_id
1 'polypeptide(L)'
;GPLGSGIVKQDSLVINLNRSNPKLKDLYIRPNIAQKRMQGSLEAHVNGFRFTSVRGDKVDILYNNIKHALFQPCDGEMII
VLHFHLKNAIMFGKKRHTDVQFYTEVGEITTDLGKHQHMHDRDDLYAEQMEREMRHKLKTAFKNFIEKVEALTKEELEFE
VPFRDLGFNGAPYRSTCLLQPTSSALVNATEWPPFVVTLDEVELIHFERVQFHLKNFDMVIVYKDYSKKVTMINAIPVAS
LDPIKEWLNSCDLKYTEGVQSLNWTKIMKTIVDDPEGFFEQGGWSFLEPEGEGSDAEEGDSESEIEDETFNPSEDDYEEE
EEDSDEDYSSEAEESDYSKESLGSEEESGK
;
A
2 'polypeptide(L)'
;SLEEEEDGEELIGDGMERDYRAIPELDAYEAEGLALDDEDVEELTASQREAAERAMRQRDREAGRGLGRMRRGLLYDSDE
EDEERPARKRRQV
;
B
3 'polypeptide(L)'
;MKSTELLIRKLPFQRLVREIAQDFKTDLRFQSSAVMALQEACEAYLVGLFEDTNLCAIHAKRVTIMPKDIQLARRIRGER
A
;
C,E
4 'polypeptide(L)'
;MSGRGKGGKGLGKGGAKRHRKVLRDNIQGITKPAIRRLARRGGVKRISGLIYEETRGVLKVFLENVIRDAVTYTEHAKRK
TVTAMDVVYALKRQGRTLYGFGG
;
D,F
5 'polypeptide(L)'
;MPEPAKSAPAPKKGSKKAVTKAQKKDGKKRKRSRKESYSIYVYKVLKQVHPDTGISSKAMGIMNSFVNDIFERIAGEASR
LAHYNKRSTITSREIQTAVRLLLPGELAKHAVSEGTKAVTKYTSSK
;
G
6 'polypeptide(L)'
;MVMKDLLSGRGKQGGKARAKAKTRSSRAGLQFPVGRVHRLLRKGNYSERVGAGAPVYLAAVLEYLTAEILELAGNAARDN
KKTRIIPRHLQLAIRNDEELNKLLGKVTIAQGGVLPNIQAVLLPKKTESHHKAKGK
;
H
#
# COMPACT_ATOMS: atom_id res chain seq x y z
N VAL A 8 -20.04 -37.10 -18.98
CA VAL A 8 -18.96 -37.46 -19.89
C VAL A 8 -18.34 -38.79 -19.47
N LYS A 9 -18.08 -39.66 -20.44
CA LYS A 9 -17.52 -40.97 -20.15
C LYS A 9 -16.07 -40.86 -19.68
N GLN A 10 -15.51 -42.00 -19.28
CA GLN A 10 -14.16 -42.07 -18.76
C GLN A 10 -13.53 -43.37 -19.23
N ASP A 11 -12.39 -43.70 -18.60
CA ASP A 11 -11.64 -44.90 -18.92
C ASP A 11 -11.47 -45.73 -17.66
N SER A 12 -11.62 -47.05 -17.81
CA SER A 12 -11.47 -47.97 -16.68
C SER A 12 -10.00 -48.21 -16.37
N LEU A 13 -9.67 -48.19 -15.08
CA LEU A 13 -8.30 -48.32 -14.62
C LEU A 13 -7.94 -49.79 -14.45
N VAL A 14 -6.67 -50.12 -14.75
CA VAL A 14 -6.21 -51.50 -14.78
C VAL A 14 -5.05 -51.65 -13.79
N ILE A 15 -4.92 -52.85 -13.23
CA ILE A 15 -3.97 -53.14 -12.16
C ILE A 15 -2.95 -54.17 -12.65
N ASN A 16 -1.69 -53.98 -12.26
CA ASN A 16 -0.60 -54.90 -12.60
C ASN A 16 -0.09 -55.52 -11.30
N LEU A 17 -0.28 -56.83 -11.15
CA LEU A 17 0.28 -57.58 -10.04
C LEU A 17 1.63 -58.20 -10.36
N ASN A 18 2.14 -57.98 -11.57
CA ASN A 18 3.45 -58.53 -11.92
C ASN A 18 4.57 -57.84 -11.16
N ARG A 19 4.45 -56.54 -10.92
CA ARG A 19 5.48 -55.78 -10.22
C ARG A 19 4.81 -54.79 -9.28
N SER A 20 5.58 -54.32 -8.30
CA SER A 20 5.08 -53.36 -7.32
C SER A 20 5.05 -51.95 -7.92
N ASN A 21 3.96 -51.24 -7.67
CA ASN A 21 3.69 -49.91 -8.23
C ASN A 21 3.92 -48.84 -7.17
N PRO A 22 4.00 -47.57 -7.59
CA PRO A 22 4.19 -46.48 -6.61
C PRO A 22 3.04 -46.40 -5.61
N LYS A 23 3.38 -45.93 -4.40
CA LYS A 23 2.46 -45.95 -3.28
C LYS A 23 2.82 -44.84 -2.31
N LEU A 24 1.80 -44.14 -1.80
CA LEU A 24 2.02 -43.17 -0.74
C LEU A 24 0.70 -42.89 -0.04
N LYS A 25 0.72 -42.93 1.30
CA LYS A 25 -0.46 -42.79 2.13
C LYS A 25 -0.54 -41.39 2.74
N ASP A 26 -1.57 -41.17 3.57
CA ASP A 26 -1.73 -39.93 4.34
C ASP A 26 -2.04 -38.73 3.45
N LEU A 27 -3.01 -38.90 2.54
CA LEU A 27 -3.47 -37.82 1.67
C LEU A 27 -4.95 -37.58 1.91
N TYR A 28 -5.28 -36.47 2.58
CA TYR A 28 -6.66 -36.05 2.67
C TYR A 28 -7.14 -35.61 1.29
N ILE A 29 -8.27 -36.17 0.86
CA ILE A 29 -8.87 -35.82 -0.43
C ILE A 29 -9.58 -34.48 -0.29
N ARG A 30 -9.62 -33.74 -1.40
CA ARG A 30 -10.42 -32.55 -1.48
C ARG A 30 -10.90 -32.50 -2.92
N PRO A 31 -12.21 -32.33 -3.15
CA PRO A 31 -13.24 -32.09 -2.15
C PRO A 31 -13.73 -33.37 -1.44
N ASN A 32 -14.38 -33.21 -0.29
CA ASN A 32 -14.79 -34.35 0.52
C ASN A 32 -15.89 -35.15 -0.17
N ILE A 33 -15.74 -36.47 -0.13
CA ILE A 33 -16.69 -37.36 -0.80
C ILE A 33 -17.98 -37.46 0.01
N ALA A 34 -17.87 -37.90 1.26
CA ALA A 34 -18.91 -37.67 2.25
C ALA A 34 -18.67 -36.32 2.90
N GLN A 35 -19.72 -35.76 3.51
CA GLN A 35 -19.61 -34.43 4.10
C GLN A 35 -18.53 -34.38 5.18
N LYS A 36 -18.16 -35.52 5.76
CA LYS A 36 -17.04 -35.58 6.68
C LYS A 36 -15.73 -35.70 5.90
N ARG A 37 -14.75 -34.89 6.27
CA ARG A 37 -13.44 -34.94 5.63
C ARG A 37 -12.81 -36.31 5.83
N MET A 38 -12.06 -36.75 4.82
CA MET A 38 -11.65 -38.15 4.76
C MET A 38 -10.22 -38.27 4.26
N GLN A 39 -9.52 -39.30 4.75
CA GLN A 39 -8.11 -39.57 4.45
C GLN A 39 -7.93 -40.97 3.88
N GLY A 40 -6.85 -41.14 3.12
CA GLY A 40 -6.55 -42.43 2.51
C GLY A 40 -5.14 -42.61 2.00
N SER A 41 -5.03 -43.19 0.80
CA SER A 41 -3.74 -43.51 0.18
C SER A 41 -3.90 -43.42 -1.33
N LEU A 42 -2.76 -43.36 -2.02
CA LEU A 42 -2.74 -43.13 -3.45
C LEU A 42 -1.68 -44.01 -4.10
N GLU A 43 -2.02 -44.57 -5.27
CA GLU A 43 -1.15 -45.49 -6.00
C GLU A 43 -1.14 -45.12 -7.47
N ALA A 44 0.00 -45.36 -8.12
CA ALA A 44 0.17 -45.12 -9.56
C ALA A 44 0.07 -46.43 -10.32
N HIS A 45 -0.70 -46.42 -11.40
CA HIS A 45 -0.92 -47.64 -12.18
C HIS A 45 -0.60 -47.45 -13.65
N VAL A 46 -1.02 -48.40 -14.50
CA VAL A 46 -0.58 -48.40 -15.89
C VAL A 46 -1.23 -47.24 -16.67
N ASN A 47 -2.52 -46.95 -16.40
CA ASN A 47 -3.25 -45.96 -17.18
C ASN A 47 -3.76 -44.77 -16.37
N GLY A 48 -3.71 -44.83 -15.04
CA GLY A 48 -4.20 -43.72 -14.25
C GLY A 48 -3.90 -43.94 -12.78
N PHE A 49 -4.11 -42.88 -12.01
CA PHE A 49 -3.92 -42.90 -10.57
C PHE A 49 -5.15 -43.48 -9.88
N ARG A 50 -4.90 -44.40 -8.94
CA ARG A 50 -5.93 -45.05 -8.14
C ARG A 50 -5.82 -44.50 -6.72
N PHE A 51 -6.82 -43.75 -6.28
CA PHE A 51 -6.87 -43.26 -4.92
C PHE A 51 -7.86 -44.11 -4.13
N THR A 52 -7.41 -44.63 -2.99
CA THR A 52 -8.19 -45.49 -2.12
C THR A 52 -8.24 -44.88 -0.72
N SER A 53 -9.09 -45.45 0.13
CA SER A 53 -9.21 -44.99 1.51
C SER A 53 -9.70 -46.15 2.37
N VAL A 54 -9.94 -45.87 3.66
CA VAL A 54 -10.40 -46.91 4.57
C VAL A 54 -11.84 -47.33 4.27
N ARG A 55 -12.64 -46.44 3.68
CA ARG A 55 -13.96 -46.81 3.18
C ARG A 55 -13.88 -47.48 1.82
N GLY A 56 -12.83 -47.22 1.05
CA GLY A 56 -12.67 -47.80 -0.26
C GLY A 56 -13.06 -46.94 -1.44
N ASP A 57 -13.18 -45.62 -1.26
CA ASP A 57 -13.48 -44.73 -2.37
C ASP A 57 -12.46 -44.91 -3.49
N LYS A 58 -12.94 -45.39 -4.64
CA LYS A 58 -12.08 -45.70 -5.80
C LYS A 58 -12.07 -44.49 -6.72
N VAL A 59 -11.09 -43.61 -6.52
CA VAL A 59 -10.96 -42.43 -7.37
C VAL A 59 -10.00 -42.77 -8.52
N ASP A 60 -10.50 -42.69 -9.74
CA ASP A 60 -9.74 -43.00 -10.95
C ASP A 60 -9.41 -41.70 -11.66
N ILE A 61 -8.13 -41.37 -11.73
CA ILE A 61 -7.66 -40.16 -12.40
C ILE A 61 -6.82 -40.61 -13.59
N LEU A 62 -7.38 -40.52 -14.80
CA LEU A 62 -6.68 -41.01 -15.97
C LEU A 62 -5.48 -40.12 -16.29
N TYR A 63 -4.39 -40.74 -16.77
CA TYR A 63 -3.17 -39.99 -17.04
C TYR A 63 -3.36 -38.97 -18.15
N ASN A 64 -3.88 -39.41 -19.29
CA ASN A 64 -4.19 -38.47 -20.37
C ASN A 64 -5.28 -37.48 -19.97
N ASN A 65 -6.05 -37.80 -18.93
CA ASN A 65 -7.07 -36.90 -18.42
C ASN A 65 -6.50 -35.77 -17.58
N ILE A 66 -5.20 -35.79 -17.29
CA ILE A 66 -4.57 -34.74 -16.49
C ILE A 66 -3.99 -33.71 -17.43
N LYS A 67 -4.52 -32.48 -17.36
CA LYS A 67 -4.00 -31.39 -18.17
C LYS A 67 -2.72 -30.82 -17.55
N HIS A 68 -2.80 -30.43 -16.29
CA HIS A 68 -1.64 -29.96 -15.53
C HIS A 68 -1.56 -30.73 -14.22
N ALA A 69 -0.37 -31.26 -13.93
CA ALA A 69 -0.10 -31.87 -12.63
C ALA A 69 0.53 -30.83 -11.73
N LEU A 70 -0.12 -30.50 -10.62
CA LEU A 70 0.29 -29.43 -9.73
C LEU A 70 0.87 -30.02 -8.45
N PHE A 71 1.96 -29.44 -7.98
CA PHE A 71 2.52 -29.80 -6.69
C PHE A 71 2.93 -28.53 -5.94
N GLN A 72 2.58 -28.46 -4.67
CA GLN A 72 2.95 -27.33 -3.83
C GLN A 72 3.57 -27.88 -2.55
N PRO A 73 4.79 -27.47 -2.21
CA PRO A 73 5.56 -28.15 -1.17
C PRO A 73 5.17 -27.68 0.23
N CYS A 74 5.87 -28.24 1.22
CA CYS A 74 5.56 -28.06 2.63
C CYS A 74 6.50 -27.12 3.36
N ASP A 75 7.44 -26.47 2.67
CA ASP A 75 8.25 -25.41 3.26
C ASP A 75 7.64 -24.07 2.87
N GLY A 76 7.28 -23.27 3.87
CA GLY A 76 6.60 -22.02 3.68
C GLY A 76 5.09 -22.11 3.77
N GLU A 77 4.52 -23.32 3.69
CA GLU A 77 3.09 -23.54 3.82
C GLU A 77 2.86 -24.77 4.69
N MET A 78 1.85 -24.69 5.56
CA MET A 78 1.63 -25.77 6.53
C MET A 78 1.07 -27.04 5.91
N ILE A 79 0.61 -27.00 4.66
CA ILE A 79 -0.01 -28.15 4.01
C ILE A 79 0.67 -28.36 2.66
N ILE A 80 1.03 -29.60 2.36
CA ILE A 80 1.63 -29.98 1.08
C ILE A 80 0.52 -30.54 0.19
N VAL A 81 0.45 -30.06 -1.05
CA VAL A 81 -0.70 -30.30 -1.92
C VAL A 81 -0.23 -30.97 -3.20
N LEU A 82 -0.93 -32.04 -3.60
CA LEU A 82 -0.78 -32.67 -4.91
C LEU A 82 -2.12 -32.49 -5.61
N HIS A 83 -2.17 -31.57 -6.57
CA HIS A 83 -3.40 -31.16 -7.23
C HIS A 83 -3.45 -31.69 -8.65
N PHE A 84 -4.64 -32.09 -9.10
CA PHE A 84 -4.82 -32.61 -10.44
C PHE A 84 -6.00 -31.92 -11.10
N HIS A 85 -5.77 -31.42 -12.30
CA HIS A 85 -6.80 -30.84 -13.14
C HIS A 85 -7.16 -31.82 -14.24
N LEU A 86 -8.45 -32.13 -14.36
CA LEU A 86 -8.91 -33.13 -15.31
C LEU A 86 -9.44 -32.47 -16.57
N LYS A 87 -9.32 -33.19 -17.69
CA LYS A 87 -9.94 -32.73 -18.94
C LYS A 87 -11.45 -32.83 -18.85
N ASN A 88 -11.96 -33.95 -18.34
CA ASN A 88 -13.39 -34.18 -18.15
C ASN A 88 -13.67 -34.39 -16.66
N ALA A 89 -14.68 -33.70 -16.15
CA ALA A 89 -15.07 -33.88 -14.75
C ALA A 89 -15.63 -35.27 -14.53
N ILE A 90 -15.33 -35.84 -13.36
CA ILE A 90 -15.75 -37.21 -13.03
C ILE A 90 -16.65 -37.17 -11.81
N MET A 91 -17.57 -38.13 -11.75
CA MET A 91 -18.57 -38.21 -10.70
C MET A 91 -18.21 -39.35 -9.75
N PHE A 92 -17.98 -39.02 -8.48
CA PHE A 92 -17.83 -40.02 -7.43
C PHE A 92 -18.44 -39.48 -6.14
N GLY A 93 -18.93 -40.40 -5.32
CA GLY A 93 -19.65 -40.00 -4.10
C GLY A 93 -20.87 -39.17 -4.37
N LYS A 94 -21.54 -39.39 -5.51
CA LYS A 94 -22.68 -38.59 -5.96
C LYS A 94 -22.31 -37.13 -6.20
N LYS A 95 -21.00 -36.83 -6.35
CA LYS A 95 -20.54 -35.47 -6.56
C LYS A 95 -19.64 -35.42 -7.79
N ARG A 96 -19.83 -34.41 -8.62
CA ARG A 96 -19.05 -34.23 -9.84
C ARG A 96 -17.94 -33.21 -9.58
N HIS A 97 -16.70 -33.61 -9.85
CA HIS A 97 -15.55 -32.75 -9.60
C HIS A 97 -14.65 -32.70 -10.82
N THR A 98 -14.02 -31.54 -11.02
CA THR A 98 -13.05 -31.31 -12.08
C THR A 98 -11.63 -31.14 -11.57
N ASP A 99 -11.44 -30.42 -10.47
CA ASP A 99 -10.15 -30.30 -9.83
C ASP A 99 -10.17 -31.14 -8.56
N VAL A 100 -9.19 -32.04 -8.42
CA VAL A 100 -9.13 -32.93 -7.28
C VAL A 100 -7.72 -32.86 -6.70
N GLN A 101 -7.62 -32.50 -5.42
CA GLN A 101 -6.31 -32.42 -4.79
C GLN A 101 -6.25 -33.38 -3.60
N PHE A 102 -5.01 -33.68 -3.20
CA PHE A 102 -4.75 -34.51 -2.04
C PHE A 102 -3.63 -33.85 -1.24
N TYR A 103 -3.89 -33.61 0.04
CA TYR A 103 -2.99 -32.78 0.83
C TYR A 103 -2.63 -33.47 2.13
N THR A 104 -1.44 -33.14 2.63
CA THR A 104 -0.91 -33.70 3.86
C THR A 104 -0.40 -32.56 4.74
N GLU A 105 -0.71 -32.62 6.02
CA GLU A 105 -0.38 -31.56 6.97
C GLU A 105 0.87 -31.92 7.78
N VAL A 106 1.44 -30.90 8.41
CA VAL A 106 2.65 -31.05 9.21
C VAL A 106 2.37 -30.91 10.71
N GLY A 107 1.43 -30.03 11.09
CA GLY A 107 1.01 -29.92 12.47
C GLY A 107 1.22 -28.56 13.09
N GLU A 108 0.12 -27.87 13.42
CA GLU A 108 0.18 -26.58 14.08
C GLU A 108 -0.80 -26.55 15.23
N ILE A 109 -0.50 -25.74 16.24
CA ILE A 109 -1.43 -25.48 17.32
C ILE A 109 -2.46 -24.46 16.85
N THR A 110 -3.69 -24.61 17.31
CA THR A 110 -4.81 -23.79 16.85
C THR A 110 -5.53 -23.08 17.99
N THR A 111 -5.15 -23.33 19.24
CA THR A 111 -5.89 -22.86 20.40
C THR A 111 -4.93 -22.85 21.59
N ASP A 112 -5.49 -22.87 22.81
CA ASP A 112 -4.72 -22.99 24.04
C ASP A 112 -3.86 -21.75 24.28
N LEU A 113 -4.51 -20.61 24.52
CA LEU A 113 -3.87 -19.31 24.62
C LEU A 113 -3.99 -18.71 26.02
N GLY A 114 -3.82 -19.53 27.05
CA GLY A 114 -3.82 -19.07 28.42
C GLY A 114 -5.06 -19.45 29.21
N LYS A 115 -6.15 -19.83 28.54
CA LYS A 115 -7.33 -20.31 29.27
C LYS A 115 -7.04 -21.67 29.91
N HIS A 116 -6.35 -22.57 29.20
CA HIS A 116 -5.82 -23.79 29.79
C HIS A 116 -4.40 -24.07 29.31
N GLN A 117 -3.69 -23.07 28.80
CA GLN A 117 -2.35 -23.28 28.24
C GLN A 117 -1.39 -23.80 29.28
N HIS A 118 -0.79 -24.95 29.00
CA HIS A 118 0.19 -25.56 29.89
C HIS A 118 1.48 -24.72 29.90
N MET A 119 2.23 -24.86 30.99
CA MET A 119 3.49 -24.13 31.13
C MET A 119 4.61 -24.71 30.26
N HIS A 120 4.36 -25.83 29.57
CA HIS A 120 5.44 -26.59 28.94
C HIS A 120 5.92 -25.99 27.62
N ASP A 121 5.22 -24.99 27.09
CA ASP A 121 5.84 -24.17 26.05
C ASP A 121 7.12 -23.53 26.56
N ARG A 122 7.17 -23.21 27.85
CA ARG A 122 8.39 -22.72 28.49
C ARG A 122 9.34 -23.84 28.92
N ASP A 123 8.99 -25.10 28.63
CA ASP A 123 9.90 -26.22 28.89
C ASP A 123 11.04 -26.29 27.89
N ASP A 124 10.97 -25.54 26.81
CA ASP A 124 12.00 -25.50 25.77
C ASP A 124 12.29 -26.90 25.23
N LEU A 125 11.23 -27.53 24.70
CA LEU A 125 11.39 -28.84 24.08
C LEU A 125 12.25 -28.75 22.82
N TYR A 126 12.26 -27.59 22.16
CA TYR A 126 12.86 -27.40 20.84
C TYR A 126 12.27 -28.41 19.85
N ALA A 127 10.96 -28.32 19.66
CA ALA A 127 10.24 -29.19 18.73
C ALA A 127 10.36 -28.73 17.29
N GLU A 128 10.94 -27.56 17.03
CA GLU A 128 11.11 -27.11 15.66
C GLU A 128 12.13 -27.94 14.91
N GLN A 129 13.09 -28.55 15.61
CA GLN A 129 14.00 -29.49 14.96
C GLN A 129 13.27 -30.75 14.50
N MET A 130 12.39 -31.29 15.35
CA MET A 130 11.56 -32.42 14.93
C MET A 130 10.64 -32.03 13.78
N GLU A 131 10.10 -30.82 13.81
CA GLU A 131 9.27 -30.32 12.70
C GLU A 131 10.07 -30.25 11.41
N ARG A 132 11.32 -29.78 11.49
CA ARG A 132 12.17 -29.70 10.30
C ARG A 132 12.51 -31.09 9.76
N GLU A 133 12.79 -32.06 10.64
CA GLU A 133 13.02 -33.42 10.15
C GLU A 133 11.75 -34.01 9.52
N MET A 134 10.59 -33.72 10.09
CA MET A 134 9.35 -34.20 9.49
C MET A 134 9.14 -33.58 8.11
N ARG A 135 9.42 -32.28 7.98
CA ARG A 135 9.37 -31.62 6.68
C ARG A 135 10.34 -32.27 5.70
N HIS A 136 11.54 -32.60 6.18
CA HIS A 136 12.53 -33.27 5.33
C HIS A 136 12.04 -34.62 4.85
N LYS A 137 11.45 -35.41 5.75
CA LYS A 137 10.96 -36.74 5.38
C LYS A 137 9.82 -36.64 4.37
N LEU A 138 8.88 -35.72 4.59
CA LEU A 138 7.77 -35.54 3.65
C LEU A 138 8.29 -35.12 2.28
N LYS A 139 9.18 -34.11 2.23
CA LYS A 139 9.62 -33.64 0.92
C LYS A 139 10.49 -34.67 0.22
N THR A 140 11.29 -35.45 0.95
CA THR A 140 12.06 -36.52 0.33
C THR A 140 11.16 -37.61 -0.24
N ALA A 141 10.15 -38.02 0.52
CA ALA A 141 9.22 -39.03 0.02
C ALA A 141 8.47 -38.54 -1.22
N PHE A 142 8.05 -37.27 -1.21
CA PHE A 142 7.33 -36.72 -2.36
C PHE A 142 8.25 -36.62 -3.58
N LYS A 143 9.53 -36.27 -3.37
CA LYS A 143 10.48 -36.24 -4.47
C LYS A 143 10.65 -37.63 -5.09
N ASN A 144 10.79 -38.65 -4.24
CA ASN A 144 10.92 -40.02 -4.75
C ASN A 144 9.68 -40.43 -5.53
N PHE A 145 8.49 -40.08 -5.03
CA PHE A 145 7.25 -40.41 -5.73
C PHE A 145 7.19 -39.73 -7.09
N ILE A 146 7.59 -38.45 -7.17
CA ILE A 146 7.51 -37.73 -8.43
C ILE A 146 8.49 -38.30 -9.45
N GLU A 147 9.73 -38.61 -9.03
CA GLU A 147 10.66 -39.21 -9.98
C GLU A 147 10.17 -40.58 -10.45
N LYS A 148 9.62 -41.38 -9.54
CA LYS A 148 9.14 -42.70 -9.92
C LYS A 148 7.98 -42.63 -10.90
N VAL A 149 7.08 -41.66 -10.70
CA VAL A 149 5.96 -41.55 -11.64
C VAL A 149 6.42 -40.93 -12.96
N GLU A 150 7.47 -40.10 -12.94
CA GLU A 150 8.06 -39.65 -14.20
C GLU A 150 8.63 -40.83 -14.98
N ALA A 151 9.28 -41.76 -14.28
CA ALA A 151 9.78 -42.96 -14.94
C ALA A 151 8.63 -43.80 -15.51
N LEU A 152 7.57 -44.00 -14.72
CA LEU A 152 6.48 -44.87 -15.15
C LEU A 152 5.68 -44.29 -16.32
N THR A 153 5.49 -42.97 -16.35
CA THR A 153 4.62 -42.35 -17.35
C THR A 153 5.22 -42.36 -18.76
N LYS A 154 6.49 -42.74 -18.91
CA LYS A 154 7.21 -42.66 -20.19
C LYS A 154 7.29 -41.22 -20.68
N GLU A 155 7.19 -40.26 -19.76
CA GLU A 155 7.24 -38.83 -20.05
C GLU A 155 6.06 -38.39 -20.93
N GLU A 156 4.89 -39.00 -20.74
CA GLU A 156 3.70 -38.58 -21.48
C GLU A 156 3.19 -37.22 -20.97
N LEU A 157 3.09 -37.06 -19.66
CA LEU A 157 2.70 -35.81 -19.03
C LEU A 157 3.78 -35.36 -18.05
N GLU A 158 3.77 -34.06 -17.73
CA GLU A 158 4.78 -33.46 -16.88
C GLU A 158 4.13 -32.62 -15.80
N PHE A 159 4.64 -32.75 -14.58
CA PHE A 159 4.18 -31.95 -13.45
C PHE A 159 4.83 -30.57 -13.51
N GLU A 160 4.23 -29.63 -12.77
CA GLU A 160 4.66 -28.24 -12.75
C GLU A 160 4.71 -27.73 -11.32
N VAL A 161 5.81 -27.11 -10.95
CA VAL A 161 6.02 -26.54 -9.62
C VAL A 161 6.04 -25.02 -9.74
N PRO A 162 5.31 -24.29 -8.90
CA PRO A 162 5.16 -22.85 -9.10
C PRO A 162 6.37 -22.04 -8.65
N PHE A 163 6.42 -20.79 -9.12
CA PHE A 163 7.38 -19.79 -8.67
C PHE A 163 6.79 -19.07 -7.47
N ARG A 164 7.10 -19.57 -6.27
CA ARG A 164 6.57 -18.94 -5.07
C ARG A 164 7.32 -17.66 -4.72
N ASP A 165 8.62 -17.60 -5.03
CA ASP A 165 9.43 -16.46 -4.60
C ASP A 165 9.00 -15.17 -5.31
N LEU A 166 8.69 -15.24 -6.60
CA LEU A 166 8.27 -14.08 -7.37
C LEU A 166 6.78 -14.12 -7.70
N GLY A 167 5.97 -14.67 -6.79
CA GLY A 167 4.53 -14.63 -6.93
C GLY A 167 3.96 -13.32 -6.45
N PHE A 168 2.64 -13.26 -6.37
CA PHE A 168 1.99 -12.01 -5.98
C PHE A 168 0.74 -12.31 -5.16
N ASN A 169 0.17 -11.26 -4.60
CA ASN A 169 -1.05 -11.37 -3.80
C ASN A 169 -2.23 -10.98 -4.67
N GLY A 170 -3.24 -11.84 -4.74
CA GLY A 170 -4.39 -11.58 -5.58
C GLY A 170 -5.65 -12.16 -4.99
N ALA A 171 -6.78 -11.53 -5.30
CA ALA A 171 -8.10 -11.94 -4.82
C ALA A 171 -9.01 -12.14 -6.03
N PRO A 172 -8.87 -13.24 -6.75
CA PRO A 172 -9.74 -13.47 -7.91
C PRO A 172 -11.15 -13.92 -7.51
N TYR A 173 -11.23 -14.74 -6.48
CA TYR A 173 -12.50 -15.29 -6.01
C TYR A 173 -13.07 -14.39 -4.92
N ARG A 174 -14.08 -14.88 -4.19
CA ARG A 174 -14.64 -14.14 -3.06
C ARG A 174 -13.63 -13.93 -1.94
N SER A 175 -12.52 -14.68 -1.92
CA SER A 175 -11.55 -14.62 -0.84
C SER A 175 -10.17 -14.23 -1.38
N THR A 176 -9.45 -13.42 -0.61
CA THR A 176 -8.13 -12.96 -1.00
C THR A 176 -7.09 -14.04 -0.71
N CYS A 177 -6.09 -14.15 -1.59
CA CYS A 177 -5.08 -15.19 -1.49
C CYS A 177 -3.79 -14.70 -2.14
N LEU A 178 -2.89 -15.63 -2.41
CA LEU A 178 -1.63 -15.35 -3.10
C LEU A 178 -1.52 -16.27 -4.30
N LEU A 179 -1.35 -15.69 -5.48
CA LEU A 179 -1.26 -16.42 -6.73
C LEU A 179 0.21 -16.61 -7.14
N GLN A 180 0.48 -17.79 -7.70
CA GLN A 180 1.84 -18.24 -8.00
C GLN A 180 1.91 -18.66 -9.45
N PRO A 181 2.77 -18.05 -10.26
CA PRO A 181 2.92 -18.50 -11.66
C PRO A 181 3.66 -19.84 -11.73
N THR A 182 3.39 -20.57 -12.82
CA THR A 182 4.12 -21.80 -13.10
C THR A 182 4.67 -21.80 -14.51
N SER A 183 5.19 -22.95 -14.96
CA SER A 183 5.80 -23.03 -16.29
C SER A 183 4.78 -22.80 -17.40
N SER A 184 3.61 -23.44 -17.31
CA SER A 184 2.57 -23.28 -18.32
C SER A 184 1.19 -23.09 -17.68
N ALA A 185 1.14 -22.45 -16.51
CA ALA A 185 -0.12 -22.20 -15.82
C ALA A 185 0.12 -21.17 -14.72
N LEU A 186 -0.97 -20.55 -14.30
CA LEU A 186 -1.02 -19.79 -13.05
C LEU A 186 -2.07 -20.45 -12.16
N VAL A 187 -1.64 -20.91 -10.99
CA VAL A 187 -2.49 -21.71 -10.13
C VAL A 187 -2.32 -21.31 -8.67
N ASN A 188 -3.36 -21.60 -7.90
CA ASN A 188 -3.35 -21.47 -6.45
C ASN A 188 -4.37 -22.50 -5.95
N ALA A 189 -3.89 -23.68 -5.56
CA ALA A 189 -4.74 -24.73 -5.03
C ALA A 189 -4.82 -24.72 -3.52
N THR A 190 -4.08 -23.83 -2.86
CA THR A 190 -4.06 -23.79 -1.40
C THR A 190 -5.42 -23.38 -0.85
N GLU A 191 -5.96 -22.26 -1.33
CA GLU A 191 -7.28 -21.78 -0.91
C GLU A 191 -8.33 -22.45 -1.77
N TRP A 192 -8.81 -23.61 -1.32
CA TRP A 192 -9.92 -24.26 -1.99
C TRP A 192 -11.17 -23.41 -1.84
N PRO A 193 -11.95 -23.20 -2.92
CA PRO A 193 -11.82 -23.80 -4.26
C PRO A 193 -10.57 -23.37 -5.03
N PRO A 194 -9.91 -24.34 -5.66
CA PRO A 194 -8.62 -24.04 -6.30
C PRO A 194 -8.81 -23.21 -7.55
N PHE A 195 -7.84 -22.36 -7.81
CA PHE A 195 -7.83 -21.50 -9.00
C PHE A 195 -6.75 -22.01 -9.94
N VAL A 196 -7.13 -22.36 -11.16
CA VAL A 196 -6.19 -22.81 -12.18
C VAL A 196 -6.47 -22.06 -13.47
N VAL A 197 -5.41 -21.72 -14.20
CA VAL A 197 -5.54 -21.19 -15.55
C VAL A 197 -4.26 -21.54 -16.30
N THR A 198 -4.40 -21.77 -17.61
CA THR A 198 -3.28 -22.14 -18.46
C THR A 198 -2.81 -20.92 -19.24
N LEU A 199 -1.50 -20.72 -19.29
CA LEU A 199 -0.94 -19.49 -19.87
C LEU A 199 -1.17 -19.43 -21.38
N ASP A 200 -1.00 -20.55 -22.08
CA ASP A 200 -1.11 -20.53 -23.53
C ASP A 200 -2.54 -20.34 -24.04
N GLU A 201 -3.53 -20.25 -23.15
CA GLU A 201 -4.93 -20.08 -23.52
C GLU A 201 -5.41 -18.64 -23.44
N VAL A 202 -4.60 -17.72 -22.93
CA VAL A 202 -5.01 -16.34 -22.68
C VAL A 202 -4.46 -15.46 -23.80
N GLU A 203 -5.33 -14.65 -24.41
CA GLU A 203 -4.87 -13.79 -25.49
C GLU A 203 -4.15 -12.56 -24.94
N LEU A 204 -4.85 -11.75 -24.17
CA LEU A 204 -4.33 -10.51 -23.64
C LEU A 204 -4.77 -10.34 -22.20
N ILE A 205 -4.05 -9.48 -21.49
CA ILE A 205 -4.40 -9.13 -20.11
C ILE A 205 -4.68 -7.64 -20.06
N HIS A 206 -5.80 -7.28 -19.42
CA HIS A 206 -6.17 -5.89 -19.23
C HIS A 206 -6.17 -5.58 -17.73
N PHE A 207 -5.46 -4.52 -17.35
CA PHE A 207 -5.42 -4.05 -15.98
C PHE A 207 -6.42 -2.92 -15.78
N GLU A 208 -7.17 -2.98 -14.69
CA GLU A 208 -8.15 -1.97 -14.36
C GLU A 208 -7.74 -1.23 -13.10
N ARG A 209 -8.20 0.02 -13.00
CA ARG A 209 -8.06 0.84 -11.80
C ARG A 209 -6.59 1.12 -11.46
N VAL A 210 -5.88 1.66 -12.44
CA VAL A 210 -4.53 2.19 -12.24
C VAL A 210 -4.62 3.70 -12.21
N GLN A 211 -4.04 4.31 -11.19
CA GLN A 211 -4.22 5.75 -10.94
C GLN A 211 -3.15 6.17 -9.94
N PHE A 212 -3.28 7.39 -9.43
CA PHE A 212 -2.47 7.88 -8.31
C PHE A 212 -2.56 6.90 -7.15
N HIS A 213 -1.62 6.95 -6.20
CA HIS A 213 -1.33 5.82 -5.30
C HIS A 213 -2.58 5.21 -4.69
N LEU A 214 -2.85 3.97 -5.08
CA LEU A 214 -3.90 3.14 -4.51
C LEU A 214 -3.25 1.87 -3.97
N LYS A 215 -3.95 1.20 -3.06
CA LYS A 215 -3.37 0.03 -2.40
C LYS A 215 -3.11 -1.10 -3.38
N ASN A 216 -3.93 -1.21 -4.42
CA ASN A 216 -3.94 -2.40 -5.27
C ASN A 216 -4.68 -2.07 -6.56
N PHE A 217 -4.99 -3.10 -7.35
CA PHE A 217 -5.66 -2.91 -8.62
C PHE A 217 -6.43 -4.18 -8.99
N ASP A 218 -7.32 -4.04 -9.95
CA ASP A 218 -7.96 -5.19 -10.58
C ASP A 218 -7.20 -5.58 -11.83
N MET A 219 -7.48 -6.79 -12.31
CA MET A 219 -6.78 -7.32 -13.48
C MET A 219 -7.73 -8.27 -14.21
N VAL A 220 -7.75 -8.18 -15.53
CA VAL A 220 -8.68 -8.92 -16.35
C VAL A 220 -7.91 -9.91 -17.23
N ILE A 221 -8.32 -11.17 -17.19
CA ILE A 221 -7.76 -12.22 -18.01
C ILE A 221 -8.75 -12.49 -19.14
N VAL A 222 -8.35 -12.22 -20.38
CA VAL A 222 -9.21 -12.38 -21.54
C VAL A 222 -8.70 -13.58 -22.33
N TYR A 223 -9.59 -14.55 -22.53
CA TYR A 223 -9.23 -15.81 -23.17
C TYR A 223 -9.24 -15.67 -24.69
N LYS A 224 -8.57 -16.60 -25.35
CA LYS A 224 -8.55 -16.63 -26.81
C LYS A 224 -9.92 -17.01 -27.39
N ASP A 225 -10.75 -17.70 -26.61
CA ASP A 225 -12.13 -17.94 -26.98
C ASP A 225 -13.02 -16.91 -26.28
N TYR A 226 -14.29 -16.86 -26.69
CA TYR A 226 -15.17 -15.79 -26.25
C TYR A 226 -16.51 -16.25 -25.66
N SER A 227 -16.79 -17.55 -25.65
CA SER A 227 -17.96 -18.03 -24.93
C SER A 227 -17.68 -18.21 -23.44
N LYS A 228 -16.47 -17.87 -22.99
CA LYS A 228 -16.08 -17.94 -21.59
C LYS A 228 -15.88 -16.52 -21.05
N LYS A 229 -16.43 -16.27 -19.86
CA LYS A 229 -16.30 -14.95 -19.26
C LYS A 229 -14.85 -14.66 -18.89
N VAL A 230 -14.43 -13.40 -19.08
CA VAL A 230 -13.09 -13.01 -18.68
C VAL A 230 -12.94 -13.14 -17.17
N THR A 231 -11.78 -13.63 -16.74
CA THR A 231 -11.53 -13.89 -15.33
C THR A 231 -11.00 -12.64 -14.65
N MET A 232 -11.71 -12.13 -13.66
CA MET A 232 -11.35 -10.88 -13.01
C MET A 232 -10.66 -11.20 -11.68
N ILE A 233 -9.37 -10.91 -11.60
CA ILE A 233 -8.59 -11.06 -10.37
C ILE A 233 -8.48 -9.69 -9.74
N ASN A 234 -9.13 -9.50 -8.60
CA ASN A 234 -9.06 -8.24 -7.87
C ASN A 234 -7.94 -8.29 -6.84
N ALA A 235 -7.66 -7.12 -6.27
CA ALA A 235 -6.81 -6.98 -5.09
C ALA A 235 -5.41 -7.56 -5.31
N ILE A 236 -4.68 -6.96 -6.23
CA ILE A 236 -3.27 -7.24 -6.46
C ILE A 236 -2.48 -5.99 -6.08
N PRO A 237 -1.57 -6.06 -5.11
CA PRO A 237 -0.93 -4.84 -4.61
C PRO A 237 -0.11 -4.14 -5.68
N VAL A 238 0.17 -2.86 -5.43
CA VAL A 238 1.04 -2.10 -6.33
C VAL A 238 2.43 -2.72 -6.39
N ALA A 239 2.89 -3.30 -5.28
CA ALA A 239 4.20 -3.95 -5.24
C ALA A 239 4.30 -5.12 -6.19
N SER A 240 3.18 -5.63 -6.69
CA SER A 240 3.15 -6.71 -7.65
C SER A 240 2.86 -6.25 -9.07
N LEU A 241 2.79 -4.94 -9.31
CA LEU A 241 2.38 -4.42 -10.61
C LEU A 241 3.31 -4.85 -11.74
N ASP A 242 4.54 -4.35 -11.72
CA ASP A 242 5.57 -4.64 -12.71
C ASP A 242 6.23 -6.02 -12.55
N PRO A 243 6.42 -6.54 -11.33
CA PRO A 243 6.89 -7.93 -11.23
C PRO A 243 6.05 -8.91 -12.03
N ILE A 244 4.72 -8.78 -12.03
CA ILE A 244 3.90 -9.57 -12.94
C ILE A 244 4.32 -9.34 -14.38
N LYS A 245 4.59 -8.08 -14.74
CA LYS A 245 5.09 -7.78 -16.08
C LYS A 245 6.44 -8.44 -16.32
N GLU A 246 7.29 -8.51 -15.30
CA GLU A 246 8.55 -9.24 -15.44
C GLU A 246 8.31 -10.71 -15.77
N TRP A 247 7.19 -11.25 -15.31
CA TRP A 247 6.74 -12.58 -15.70
C TRP A 247 5.88 -12.57 -16.96
N LEU A 248 5.24 -11.44 -17.26
CA LEU A 248 4.43 -11.38 -18.48
C LEU A 248 5.30 -11.45 -19.73
N ASN A 249 6.54 -10.96 -19.66
CA ASN A 249 7.47 -11.06 -20.78
C ASN A 249 8.27 -12.35 -20.78
N SER A 250 8.04 -13.23 -19.80
CA SER A 250 8.69 -14.54 -19.80
C SER A 250 8.07 -15.46 -20.84
N CYS A 251 6.78 -15.76 -20.70
CA CYS A 251 6.04 -16.39 -21.78
C CYS A 251 5.60 -15.39 -22.84
N ASP A 252 5.82 -14.10 -22.61
CA ASP A 252 5.64 -13.04 -23.60
C ASP A 252 4.20 -12.99 -24.13
N LEU A 253 3.29 -12.65 -23.22
CA LEU A 253 1.90 -12.40 -23.56
C LEU A 253 1.57 -10.93 -23.40
N LYS A 254 0.68 -10.44 -24.27
CA LYS A 254 0.41 -9.00 -24.34
C LYS A 254 -0.44 -8.53 -23.17
N TYR A 255 -0.08 -7.37 -22.63
CA TYR A 255 -0.76 -6.77 -21.50
C TYR A 255 -0.92 -5.28 -21.74
N THR A 256 -2.07 -4.75 -21.33
CA THR A 256 -2.38 -3.33 -21.44
C THR A 256 -3.14 -2.91 -20.18
N GLU A 257 -3.24 -1.61 -19.98
CA GLU A 257 -3.84 -1.06 -18.77
C GLU A 257 -4.98 -0.11 -19.10
N GLY A 258 -5.82 0.13 -18.09
CA GLY A 258 -6.91 1.08 -18.19
C GLY A 258 -7.38 1.45 -16.80
N VAL A 259 -8.11 2.56 -16.73
CA VAL A 259 -8.60 3.08 -15.46
C VAL A 259 -10.04 2.67 -15.18
N GLN A 260 -10.89 2.68 -16.21
CA GLN A 260 -12.28 2.31 -16.04
C GLN A 260 -12.42 0.80 -15.87
N SER A 261 -13.36 0.39 -15.03
CA SER A 261 -13.79 -1.00 -14.99
C SER A 261 -14.73 -1.23 -16.18
N LEU A 262 -14.54 -2.35 -16.86
CA LEU A 262 -15.20 -2.57 -18.15
C LEU A 262 -16.41 -3.49 -18.00
N ASN A 263 -17.39 -3.28 -18.87
CA ASN A 263 -18.58 -4.13 -18.96
C ASN A 263 -18.21 -5.32 -19.83
N TRP A 264 -17.73 -6.38 -19.19
CA TRP A 264 -17.28 -7.55 -19.95
C TRP A 264 -18.43 -8.41 -20.44
N THR A 265 -19.56 -8.43 -19.72
CA THR A 265 -20.73 -9.17 -20.20
C THR A 265 -21.12 -8.70 -21.60
N LYS A 266 -21.27 -7.38 -21.78
CA LYS A 266 -21.64 -6.84 -23.08
C LYS A 266 -20.50 -6.99 -24.09
N ILE A 267 -19.24 -6.93 -23.64
CA ILE A 267 -18.12 -7.16 -24.53
C ILE A 267 -18.21 -8.54 -25.17
N MET A 268 -18.40 -9.57 -24.33
CA MET A 268 -18.47 -10.92 -24.87
C MET A 268 -19.76 -11.15 -25.64
N LYS A 269 -20.86 -10.51 -25.25
CA LYS A 269 -22.09 -10.61 -26.05
C LYS A 269 -21.88 -10.05 -27.45
N THR A 270 -21.30 -8.85 -27.55
CA THR A 270 -21.00 -8.23 -28.84
C THR A 270 -20.01 -9.07 -29.63
N ILE A 271 -19.11 -9.77 -28.95
CA ILE A 271 -18.17 -10.64 -29.66
C ILE A 271 -18.88 -11.86 -30.23
N VAL A 272 -19.78 -12.48 -29.45
CA VAL A 272 -20.43 -13.72 -29.87
C VAL A 272 -21.43 -13.48 -31.00
N ASP A 273 -22.25 -12.42 -30.90
CA ASP A 273 -23.30 -12.24 -31.89
C ASP A 273 -22.73 -11.94 -33.28
N ASP A 274 -21.82 -10.97 -33.38
CA ASP A 274 -21.27 -10.54 -34.66
C ASP A 274 -19.75 -10.44 -34.56
N PRO A 275 -19.05 -11.56 -34.75
CA PRO A 275 -17.58 -11.54 -34.60
C PRO A 275 -16.85 -10.73 -35.67
N GLU A 276 -17.42 -10.59 -36.87
CA GLU A 276 -16.69 -9.95 -37.97
C GLU A 276 -16.42 -8.48 -37.70
N GLY A 277 -17.44 -7.75 -37.22
CA GLY A 277 -17.32 -6.32 -37.03
C GLY A 277 -16.32 -5.92 -35.97
N PHE A 278 -15.97 -6.83 -35.06
CA PHE A 278 -15.03 -6.46 -34.00
C PHE A 278 -13.61 -6.34 -34.54
N PHE A 279 -13.17 -7.30 -35.36
CA PHE A 279 -11.86 -7.20 -35.99
C PHE A 279 -11.88 -6.33 -37.24
N GLU A 280 -13.05 -6.06 -37.82
CA GLU A 280 -13.12 -5.17 -38.97
C GLU A 280 -12.79 -3.72 -38.59
N GLN A 281 -12.83 -3.38 -37.30
CA GLN A 281 -12.57 -2.03 -36.82
C GLN A 281 -11.18 -1.90 -36.20
N GLY A 282 -10.27 -2.84 -36.48
CA GLY A 282 -8.92 -2.81 -35.94
C GLY A 282 -8.61 -4.00 -35.06
N GLY A 283 -9.63 -4.55 -34.40
CA GLY A 283 -9.44 -5.68 -33.50
C GLY A 283 -9.37 -5.24 -32.05
N TRP A 284 -8.30 -5.63 -31.36
CA TRP A 284 -8.05 -5.24 -29.98
C TRP A 284 -7.34 -3.89 -29.93
N SER A 285 -7.99 -2.88 -30.50
CA SER A 285 -7.42 -1.55 -30.67
C SER A 285 -8.03 -0.53 -29.72
N PHE A 286 -8.53 -0.98 -28.57
CA PHE A 286 -9.05 -0.06 -27.57
C PHE A 286 -8.26 -0.18 -26.27
N LEU A 287 -6.93 -0.20 -26.39
CA LEU A 287 -6.06 -0.36 -25.23
C LEU A 287 -5.03 0.76 -25.10
N GLU A 288 -5.14 1.81 -25.91
CA GLU A 288 -4.21 2.93 -25.82
C GLU A 288 -4.94 4.24 -25.51
N GLU A 302 -6.52 20.52 -27.53
CA GLU A 302 -7.35 19.84 -26.51
C GLU A 302 -6.64 19.93 -25.16
N SER A 303 -5.57 19.15 -24.98
CA SER A 303 -4.87 19.13 -23.67
C SER A 303 -4.27 20.50 -23.35
N GLU A 304 -3.63 21.15 -24.33
CA GLU A 304 -3.09 22.51 -24.10
C GLU A 304 -4.28 23.44 -23.82
N ILE A 305 -5.34 23.26 -24.60
CA ILE A 305 -6.57 24.06 -24.32
C ILE A 305 -6.97 23.76 -22.88
N GLU A 306 -6.86 22.50 -22.44
CA GLU A 306 -7.32 22.19 -21.09
C GLU A 306 -6.26 22.45 -20.03
N ASP A 307 -5.04 22.84 -20.42
CA ASP A 307 -3.92 22.94 -19.49
C ASP A 307 -2.93 23.94 -20.08
N GLU A 308 -2.92 25.17 -19.54
CA GLU A 308 -2.01 26.19 -20.04
C GLU A 308 -0.57 25.82 -19.72
N THR A 309 0.33 26.14 -20.65
CA THR A 309 1.75 25.89 -20.51
C THR A 309 2.44 27.13 -19.94
N PHE A 310 3.44 26.92 -19.08
CA PHE A 310 4.12 28.02 -18.42
C PHE A 310 4.78 28.94 -19.43
N ASN A 311 4.55 30.25 -19.27
CA ASN A 311 5.12 31.27 -20.14
C ASN A 311 6.55 31.56 -19.69
N PRO A 312 7.58 31.23 -20.52
CA PRO A 312 8.98 31.44 -20.15
C PRO A 312 9.44 32.88 -20.32
N SER A 313 8.61 33.83 -19.90
CA SER A 313 8.97 35.24 -19.86
C SER A 313 8.45 35.93 -18.61
N GLU A 314 7.94 35.17 -17.63
CA GLU A 314 7.43 35.72 -16.38
C GLU A 314 8.46 35.45 -15.29
N ASP A 315 9.01 36.52 -14.72
CA ASP A 315 10.11 36.40 -13.77
C ASP A 315 9.94 37.39 -12.63
N ASP A 316 10.60 37.09 -11.51
CA ASP A 316 10.61 37.99 -10.37
C ASP A 316 11.67 39.08 -10.57
N TYR A 317 11.24 40.34 -10.54
CA TYR A 317 12.16 41.45 -10.74
C TYR A 317 13.13 41.59 -9.56
N GLU A 318 12.71 41.23 -8.36
CA GLU A 318 13.53 41.44 -7.18
C GLU A 318 14.71 40.46 -7.15
N GLU A 319 15.92 41.00 -7.00
CA GLU A 319 17.13 40.20 -6.93
C GLU A 319 18.09 40.84 -5.93
N GLU A 320 19.20 40.14 -5.67
CA GLU A 320 20.24 40.48 -4.71
C GLU A 320 19.68 41.03 -3.39
N GLU A 321 18.62 40.40 -2.87
CA GLU A 321 18.03 40.76 -1.59
C GLU A 321 18.49 39.83 -0.47
N GLU A 322 19.57 39.08 -0.69
CA GLU A 322 19.95 38.02 0.26
C GLU A 322 20.34 38.58 1.63
N ASP A 323 20.91 39.79 1.67
CA ASP A 323 21.37 40.41 2.91
C ASP A 323 22.51 39.61 3.55
N SER A 324 23.15 40.17 4.58
CA SER A 324 24.34 39.58 5.19
C SER A 324 24.05 39.20 6.63
N ASP A 325 24.40 37.96 6.99
CA ASP A 325 24.26 37.46 8.36
C ASP A 325 25.58 37.42 9.11
N GLU A 326 26.62 38.06 8.58
CA GLU A 326 27.92 38.20 9.24
C GLU A 326 28.61 36.86 9.52
N ASP A 327 29.59 36.88 10.41
CA ASP A 327 30.40 35.71 10.70
C ASP A 327 29.76 34.83 11.77
N ASP B 7 -30.71 -9.25 -2.12
CA ASP B 7 -29.48 -9.45 -1.36
C ASP B 7 -28.54 -8.25 -1.50
N GLY B 8 -28.58 -7.61 -2.67
CA GLY B 8 -27.73 -6.46 -2.90
C GLY B 8 -27.91 -5.92 -4.30
N GLU B 9 -27.09 -4.92 -4.62
CA GLU B 9 -27.12 -4.24 -5.91
C GLU B 9 -25.96 -4.72 -6.79
N GLU B 10 -25.78 -4.07 -7.93
CA GLU B 10 -24.76 -4.45 -8.90
C GLU B 10 -24.05 -3.21 -9.42
N LEU B 11 -22.78 -3.38 -9.79
CA LEU B 11 -22.00 -2.31 -10.41
C LEU B 11 -21.22 -2.73 -11.65
N ILE B 12 -21.08 -4.02 -11.93
CA ILE B 12 -20.41 -4.51 -13.12
C ILE B 12 -21.46 -5.16 -14.01
N GLY B 13 -21.47 -4.77 -15.29
CA GLY B 13 -22.54 -5.12 -16.21
C GLY B 13 -23.20 -3.87 -16.76
N ASP B 14 -24.51 -3.98 -17.00
CA ASP B 14 -25.26 -2.84 -17.49
C ASP B 14 -25.59 -1.87 -16.36
N GLY B 15 -25.61 -0.58 -16.69
CA GLY B 15 -26.05 0.45 -15.77
C GLY B 15 -24.96 1.36 -15.24
N MET B 16 -23.68 1.07 -15.50
CA MET B 16 -22.61 1.90 -14.97
C MET B 16 -22.50 3.22 -15.72
N GLU B 17 -22.62 3.19 -17.05
CA GLU B 17 -22.39 4.38 -17.87
C GLU B 17 -23.39 5.50 -17.61
N ARG B 18 -24.57 5.17 -17.08
CA ARG B 18 -25.58 6.20 -16.81
C ARG B 18 -25.15 7.14 -15.70
N ASP B 19 -24.36 6.65 -14.74
CA ASP B 19 -23.92 7.47 -13.62
C ASP B 19 -22.83 8.46 -14.01
N TYR B 20 -22.16 8.24 -15.16
CA TYR B 20 -21.11 9.12 -15.64
C TYR B 20 -21.60 10.14 -16.64
N ARG B 21 -22.91 10.21 -16.88
CA ARG B 21 -23.44 11.15 -17.87
C ARG B 21 -23.06 12.58 -17.55
N ALA B 22 -22.61 13.31 -18.57
CA ALA B 22 -22.26 14.71 -18.41
C ALA B 22 -23.53 15.55 -18.48
N ILE B 23 -23.83 16.26 -17.39
CA ILE B 23 -24.96 17.17 -17.33
C ILE B 23 -24.44 18.52 -16.84
N PRO B 24 -24.62 19.61 -17.59
CA PRO B 24 -23.93 20.86 -17.23
C PRO B 24 -24.38 21.47 -15.91
N GLU B 25 -25.67 21.40 -15.58
CA GLU B 25 -26.16 22.05 -14.36
C GLU B 25 -25.70 21.35 -13.09
N LEU B 26 -25.06 20.19 -13.20
CA LEU B 26 -24.53 19.49 -12.03
C LEU B 26 -23.01 19.40 -12.01
N ASP B 27 -22.36 19.39 -13.18
CA ASP B 27 -20.90 19.34 -13.25
C ASP B 27 -20.25 20.71 -13.08
N ALA B 28 -20.97 21.70 -12.57
CA ALA B 28 -20.46 23.05 -12.40
C ALA B 28 -20.60 23.49 -10.94
N TYR B 29 -19.97 24.62 -10.63
CA TYR B 29 -20.00 25.21 -9.30
C TYR B 29 -20.99 26.37 -9.25
N GLU B 30 -20.99 27.09 -8.13
CA GLU B 30 -21.85 28.23 -7.90
C GLU B 30 -21.08 29.28 -7.12
N ALA B 31 -21.51 30.53 -7.24
CA ALA B 31 -20.77 31.69 -6.75
C ALA B 31 -21.42 32.32 -5.52
N GLU B 32 -21.99 31.50 -4.64
CA GLU B 32 -22.58 31.97 -3.39
C GLU B 32 -21.56 31.87 -2.27
N GLY B 33 -21.34 32.98 -1.57
CA GLY B 33 -20.29 33.01 -0.57
C GLY B 33 -18.91 32.77 -1.15
N LEU B 34 -18.69 33.16 -2.40
CA LEU B 34 -17.43 32.95 -3.11
C LEU B 34 -16.72 34.29 -3.25
N ALA B 35 -15.44 34.31 -2.90
CA ALA B 35 -14.66 35.53 -3.01
C ALA B 35 -14.44 35.89 -4.48
N LEU B 36 -14.61 37.16 -4.80
CA LEU B 36 -14.32 37.64 -6.15
C LEU B 36 -12.83 37.47 -6.44
N ASP B 37 -12.52 37.10 -7.68
CA ASP B 37 -11.12 36.97 -8.09
C ASP B 37 -10.39 38.30 -8.06
N ASP B 38 -11.11 39.43 -8.19
CA ASP B 38 -10.47 40.74 -8.14
C ASP B 38 -10.04 41.10 -6.72
N GLU B 39 -10.71 40.56 -5.71
CA GLU B 39 -10.34 40.84 -4.32
C GLU B 39 -9.03 40.18 -3.95
N ASP B 40 -8.18 40.91 -3.24
CA ASP B 40 -6.88 40.44 -2.81
C ASP B 40 -6.96 40.01 -1.35
N VAL B 41 -6.44 38.83 -1.04
CA VAL B 41 -6.52 38.24 0.29
C VAL B 41 -5.15 37.74 0.70
N GLU B 42 -4.79 38.00 1.96
CA GLU B 42 -3.48 37.67 2.51
C GLU B 42 -3.62 36.53 3.51
N GLU B 43 -2.75 35.54 3.41
CA GLU B 43 -2.80 34.36 4.27
C GLU B 43 -2.29 34.68 5.67
N LEU B 44 -2.12 33.64 6.49
CA LEU B 44 -1.70 33.77 7.88
C LEU B 44 -0.21 34.07 7.97
N THR B 45 0.18 34.66 9.10
CA THR B 45 1.59 34.72 9.48
C THR B 45 1.95 33.46 10.26
N ALA B 46 3.24 33.31 10.60
CA ALA B 46 3.69 32.12 11.29
C ALA B 46 3.09 32.04 12.70
N SER B 47 3.17 33.13 13.45
CA SER B 47 2.72 33.12 14.83
C SER B 47 1.22 32.88 14.94
N GLN B 48 0.44 33.46 14.03
CA GLN B 48 -1.01 33.28 14.07
C GLN B 48 -1.39 31.81 13.90
N ARG B 49 -0.84 31.14 12.89
CA ARG B 49 -1.21 29.74 12.67
C ARG B 49 -0.65 28.84 13.76
N GLU B 50 0.54 29.15 14.27
CA GLU B 50 1.09 28.35 15.36
C GLU B 50 0.23 28.46 16.63
N ALA B 51 -0.19 29.68 16.99
CA ALA B 51 -1.05 29.84 18.16
C ALA B 51 -2.40 29.17 17.95
N ALA B 52 -2.97 29.33 16.75
CA ALA B 52 -4.26 28.71 16.45
C ALA B 52 -4.20 27.19 16.60
N GLU B 53 -3.16 26.57 16.03
CA GLU B 53 -3.06 25.12 16.09
C GLU B 53 -2.69 24.62 17.48
N ARG B 54 -1.94 25.41 18.26
CA ARG B 54 -1.65 25.01 19.63
C ARG B 54 -2.93 24.99 20.48
N ALA B 55 -3.72 26.07 20.42
CA ALA B 55 -5.00 26.09 21.12
C ALA B 55 -5.93 25.00 20.61
N MET B 56 -5.86 24.71 19.31
CA MET B 56 -6.72 23.68 18.71
C MET B 56 -6.37 22.29 19.24
N ARG B 57 -5.08 21.97 19.33
CA ARG B 57 -4.66 20.69 19.90
C ARG B 57 -5.04 20.59 21.38
N GLN B 58 -4.93 21.71 22.10
CA GLN B 58 -5.33 21.70 23.51
C GLN B 58 -6.81 21.39 23.67
N ARG B 59 -7.68 22.02 22.86
CA ARG B 59 -9.09 21.71 22.99
C ARG B 59 -9.48 20.41 22.28
N ASP B 60 -8.57 19.83 21.48
CA ASP B 60 -8.76 18.47 20.96
C ASP B 60 -8.54 17.44 22.05
N ARG B 61 -7.54 17.65 22.91
CA ARG B 61 -7.49 16.87 24.15
C ARG B 61 -8.72 17.15 25.01
N GLU B 62 -9.16 18.41 25.06
CA GLU B 62 -10.37 18.74 25.82
C GLU B 62 -11.61 18.05 25.25
N ALA B 63 -11.84 18.18 23.95
CA ALA B 63 -13.03 17.66 23.28
C ALA B 63 -14.31 18.23 23.90
N GLY B 64 -14.36 19.56 23.99
CA GLY B 64 -15.46 20.22 24.67
C GLY B 64 -16.80 20.05 23.96
N ARG B 65 -16.83 20.32 22.66
CA ARG B 65 -18.08 20.22 21.92
C ARG B 65 -18.49 18.77 21.72
N GLY B 66 -19.81 18.54 21.71
CA GLY B 66 -20.35 17.21 21.54
C GLY B 66 -21.48 16.91 22.51
N LYS C 2 2.70 0.60 34.09
CA LYS C 2 4.03 0.08 33.81
C LYS C 2 4.10 -1.42 34.03
N SER C 3 3.31 -2.19 33.27
CA SER C 3 3.27 -3.65 33.37
C SER C 3 3.48 -4.27 31.99
N THR C 4 4.74 -4.35 31.55
CA THR C 4 5.12 -5.11 30.35
C THR C 4 6.42 -5.84 30.67
N GLU C 5 6.33 -7.01 31.32
CA GLU C 5 7.60 -7.62 31.72
C GLU C 5 7.86 -9.05 31.25
N LEU C 6 7.00 -10.00 31.61
CA LEU C 6 7.39 -11.41 31.47
C LEU C 6 7.14 -11.96 30.08
N LEU C 7 6.69 -11.11 29.15
CA LEU C 7 6.46 -11.55 27.79
C LEU C 7 7.75 -12.03 27.13
N ILE C 8 8.80 -11.23 27.19
CA ILE C 8 9.99 -11.41 26.37
C ILE C 8 11.20 -11.64 27.26
N ARG C 9 11.97 -12.69 26.96
CA ARG C 9 13.24 -12.90 27.65
C ARG C 9 14.25 -11.86 27.18
N LYS C 10 15.06 -11.37 28.12
CA LYS C 10 15.99 -10.28 27.81
C LYS C 10 17.13 -10.75 26.90
N LEU C 11 17.54 -12.02 27.02
CA LEU C 11 18.73 -12.48 26.30
C LEU C 11 18.52 -12.50 24.79
N PRO C 12 17.47 -13.14 24.24
CA PRO C 12 17.28 -13.04 22.78
C PRO C 12 17.02 -11.62 22.32
N PHE C 13 16.39 -10.80 23.18
CA PHE C 13 16.19 -9.40 22.85
C PHE C 13 17.51 -8.69 22.57
N GLN C 14 18.48 -8.82 23.48
CA GLN C 14 19.74 -8.11 23.30
C GLN C 14 20.56 -8.73 22.17
N ARG C 15 20.45 -10.06 21.97
CA ARG C 15 21.09 -10.68 20.81
C ARG C 15 20.56 -10.12 19.50
N LEU C 16 19.23 -9.93 19.41
CA LEU C 16 18.66 -9.36 18.20
C LEU C 16 19.02 -7.88 18.03
N VAL C 17 19.11 -7.14 19.14
CA VAL C 17 19.57 -5.75 19.04
C VAL C 17 20.97 -5.68 18.46
N ARG C 18 21.86 -6.59 18.89
CA ARG C 18 23.20 -6.63 18.29
C ARG C 18 23.16 -7.01 16.82
N GLU C 19 22.33 -7.99 16.45
CA GLU C 19 22.23 -8.40 15.05
C GLU C 19 21.73 -7.26 14.16
N ILE C 20 20.88 -6.38 14.68
CA ILE C 20 20.39 -5.27 13.88
C ILE C 20 21.37 -4.08 13.94
N ALA C 21 22.11 -3.92 15.03
CA ALA C 21 23.06 -2.82 15.14
C ALA C 21 24.31 -3.04 14.29
N GLN C 22 24.69 -4.31 14.06
CA GLN C 22 25.85 -4.57 13.21
C GLN C 22 25.64 -4.09 11.78
N ASP C 23 24.39 -4.01 11.33
CA ASP C 23 24.11 -3.69 9.93
C ASP C 23 24.41 -2.21 9.62
N PHE C 24 23.97 -1.30 10.49
CA PHE C 24 23.96 0.12 10.17
C PHE C 24 25.16 0.88 10.73
N LYS C 25 25.33 0.90 12.05
CA LYS C 25 26.52 1.48 12.68
C LYS C 25 27.10 0.50 13.68
N THR C 26 28.34 0.09 13.44
CA THR C 26 29.00 -0.87 14.29
C THR C 26 29.56 -0.19 15.53
N ASP C 27 29.57 -0.92 16.64
CA ASP C 27 30.21 -0.50 17.90
C ASP C 27 29.55 0.75 18.48
N LEU C 28 28.24 0.64 18.73
CA LEU C 28 27.51 1.60 19.53
C LEU C 28 27.08 0.95 20.84
N ARG C 29 26.87 1.78 21.86
CA ARG C 29 26.61 1.33 23.21
C ARG C 29 25.24 1.81 23.68
N PHE C 30 24.56 0.97 24.45
CA PHE C 30 23.23 1.28 24.97
C PHE C 30 23.23 1.17 26.48
N GLN C 31 22.49 2.07 27.13
CA GLN C 31 22.24 1.95 28.56
C GLN C 31 21.06 1.00 28.80
N SER C 32 20.95 0.53 30.04
CA SER C 32 19.87 -0.41 30.39
C SER C 32 18.49 0.24 30.27
N SER C 33 18.39 1.53 30.63
CA SER C 33 17.12 2.24 30.48
C SER C 33 16.68 2.28 29.02
N ALA C 34 17.64 2.46 28.10
CA ALA C 34 17.35 2.43 26.67
C ALA C 34 16.75 1.09 26.26
N VAL C 35 17.34 -0.01 26.74
CA VAL C 35 16.86 -1.34 26.39
C VAL C 35 15.45 -1.56 26.94
N MET C 36 15.19 -1.12 28.17
CA MET C 36 13.86 -1.28 28.75
C MET C 36 12.81 -0.48 27.97
N ALA C 37 13.16 0.75 27.57
CA ALA C 37 12.24 1.55 26.75
C ALA C 37 11.96 0.87 25.41
N LEU C 38 13.02 0.34 24.77
CA LEU C 38 12.84 -0.41 23.54
C LEU C 38 11.86 -1.57 23.72
N GLN C 39 12.06 -2.38 24.77
CA GLN C 39 11.21 -3.53 25.00
C GLN C 39 9.75 -3.11 25.23
N GLU C 40 9.56 -2.05 26.02
CA GLU C 40 8.20 -1.56 26.29
C GLU C 40 7.50 -1.14 25.01
N ALA C 41 8.18 -0.35 24.17
CA ALA C 41 7.57 0.10 22.93
C ALA C 41 7.26 -1.06 21.99
N CYS C 42 8.18 -2.02 21.88
CA CYS C 42 7.98 -3.15 20.98
C CYS C 42 6.77 -3.98 21.41
N GLU C 43 6.68 -4.30 22.70
CA GLU C 43 5.53 -5.07 23.18
C GLU C 43 4.23 -4.30 23.03
N ALA C 44 4.27 -2.97 23.19
CA ALA C 44 3.06 -2.18 22.99
C ALA C 44 2.57 -2.26 21.55
N TYR C 45 3.47 -2.06 20.58
CA TYR C 45 3.04 -2.12 19.18
C TYR C 45 2.57 -3.52 18.83
N LEU C 46 3.25 -4.55 19.33
CA LEU C 46 2.84 -5.92 19.02
C LEU C 46 1.48 -6.26 19.61
N VAL C 47 1.19 -5.82 20.83
CA VAL C 47 -0.12 -6.13 21.41
C VAL C 47 -1.22 -5.36 20.69
N GLY C 48 -0.94 -4.12 20.27
CA GLY C 48 -1.93 -3.40 19.48
C GLY C 48 -2.22 -4.07 18.14
N LEU C 49 -1.16 -4.53 17.45
CA LEU C 49 -1.34 -5.21 16.17
C LEU C 49 -2.04 -6.55 16.36
N PHE C 50 -1.77 -7.25 17.47
CA PHE C 50 -2.46 -8.51 17.74
C PHE C 50 -3.93 -8.27 18.04
N GLU C 51 -4.26 -7.18 18.73
CA GLU C 51 -5.65 -6.79 18.94
C GLU C 51 -6.34 -6.56 17.60
N ASP C 52 -5.71 -5.79 16.72
CA ASP C 52 -6.30 -5.55 15.40
C ASP C 52 -6.44 -6.84 14.61
N THR C 53 -5.44 -7.72 14.70
CA THR C 53 -5.49 -9.00 14.00
C THR C 53 -6.64 -9.87 14.50
N ASN C 54 -6.85 -9.92 15.81
CA ASN C 54 -7.98 -10.67 16.34
C ASN C 54 -9.29 -10.06 15.89
N LEU C 55 -9.37 -8.72 15.82
CA LEU C 55 -10.54 -8.06 15.28
C LEU C 55 -10.84 -8.54 13.86
N CYS C 56 -9.82 -8.53 13.00
CA CYS C 56 -10.02 -8.96 11.61
C CYS C 56 -10.38 -10.44 11.53
N ALA C 57 -9.71 -11.28 12.34
CA ALA C 57 -9.97 -12.71 12.30
C ALA C 57 -11.39 -13.04 12.73
N ILE C 58 -11.83 -12.46 13.85
CA ILE C 58 -13.20 -12.66 14.31
C ILE C 58 -14.19 -12.04 13.32
N HIS C 59 -13.77 -11.02 12.59
CA HIS C 59 -14.61 -10.46 11.52
C HIS C 59 -14.81 -11.46 10.39
N ALA C 60 -13.85 -12.37 10.19
CA ALA C 60 -13.93 -13.36 9.11
C ALA C 60 -14.89 -14.50 9.41
N LYS C 61 -15.74 -14.35 10.43
CA LYS C 61 -16.69 -15.37 10.88
C LYS C 61 -15.96 -16.58 11.43
N ARG C 62 -14.63 -16.49 11.48
CA ARG C 62 -13.77 -17.49 12.10
C ARG C 62 -13.26 -16.94 13.42
N VAL C 63 -12.98 -17.85 14.36
CA VAL C 63 -12.38 -17.44 15.63
C VAL C 63 -10.87 -17.64 15.63
N THR C 64 -10.30 -18.15 14.54
CA THR C 64 -8.89 -18.46 14.46
C THR C 64 -8.12 -17.32 13.81
N ILE C 65 -6.91 -17.06 14.31
CA ILE C 65 -6.04 -16.03 13.77
C ILE C 65 -5.07 -16.65 12.78
N MET C 66 -4.94 -16.04 11.62
CA MET C 66 -4.27 -16.59 10.46
C MET C 66 -3.43 -15.49 9.84
N PRO C 67 -2.40 -15.85 9.06
CA PRO C 67 -1.54 -14.82 8.45
C PRO C 67 -2.27 -13.88 7.52
N LYS C 68 -3.43 -14.25 6.97
CA LYS C 68 -4.19 -13.31 6.16
C LYS C 68 -4.66 -12.12 6.98
N ASP C 69 -5.08 -12.37 8.22
CA ASP C 69 -5.43 -11.26 9.11
C ASP C 69 -4.21 -10.39 9.39
N ILE C 70 -3.04 -11.01 9.56
CA ILE C 70 -1.80 -10.25 9.78
C ILE C 70 -1.52 -9.33 8.60
N GLN C 71 -1.54 -9.88 7.38
CA GLN C 71 -1.23 -9.07 6.20
C GLN C 71 -2.29 -8.02 5.93
N LEU C 72 -3.56 -8.33 6.20
CA LEU C 72 -4.62 -7.34 6.05
C LEU C 72 -4.43 -6.19 7.01
N ALA C 73 -4.09 -6.50 8.27
CA ALA C 73 -3.85 -5.45 9.27
C ALA C 73 -2.62 -4.62 8.90
N ARG C 74 -1.58 -5.27 8.38
CA ARG C 74 -0.41 -4.54 7.92
C ARG C 74 -0.75 -3.59 6.77
N ARG C 75 -1.51 -4.09 5.79
CA ARG C 75 -1.78 -3.32 4.59
C ARG C 75 -2.76 -2.18 4.85
N ILE C 76 -3.67 -2.35 5.80
CA ILE C 76 -4.47 -1.21 6.25
C ILE C 76 -3.60 -0.23 7.05
N ARG C 77 -2.73 -0.76 7.91
CA ARG C 77 -1.82 0.08 8.66
C ARG C 77 -0.73 0.66 7.78
N GLY C 78 -0.31 -0.07 6.74
CA GLY C 78 0.68 0.44 5.81
C GLY C 78 2.09 -0.04 6.07
N GLU C 79 2.28 -1.35 6.27
CA GLU C 79 3.60 -1.88 6.57
C GLU C 79 4.22 -2.55 5.35
N ARG D 24 17.54 -18.19 8.16
CA ARG D 24 18.44 -18.58 9.24
C ARG D 24 19.06 -17.38 9.94
N ASP D 25 19.84 -16.60 9.19
CA ASP D 25 20.59 -15.47 9.72
C ASP D 25 21.57 -15.94 10.78
N ASN D 26 22.18 -15.01 11.52
CA ASN D 26 23.02 -15.40 12.65
C ASN D 26 22.18 -16.04 13.76
N ILE D 27 21.05 -15.43 14.07
CA ILE D 27 20.02 -16.00 14.95
C ILE D 27 18.66 -15.57 14.41
N GLN D 28 17.68 -16.47 14.50
CA GLN D 28 16.40 -16.21 13.83
C GLN D 28 15.58 -15.15 14.55
N GLY D 29 15.50 -15.22 15.87
CA GLY D 29 14.69 -14.24 16.59
C GLY D 29 14.24 -14.75 17.95
N ILE D 30 13.04 -14.31 18.34
CA ILE D 30 12.45 -14.60 19.65
C ILE D 30 11.72 -15.94 19.64
N THR D 31 11.42 -16.47 20.83
CA THR D 31 10.83 -17.79 20.99
C THR D 31 9.30 -17.75 20.95
N LYS D 32 8.71 -18.92 20.68
CA LYS D 32 7.25 -19.01 20.56
C LYS D 32 6.50 -18.65 21.83
N PRO D 33 6.88 -19.14 23.02
CA PRO D 33 6.12 -18.76 24.23
C PRO D 33 6.10 -17.27 24.49
N ALA D 34 7.15 -16.55 24.12
CA ALA D 34 7.12 -15.10 24.21
C ALA D 34 6.01 -14.52 23.34
N ILE D 35 5.87 -15.06 22.12
CA ILE D 35 4.81 -14.59 21.22
C ILE D 35 3.44 -14.97 21.76
N ARG D 36 3.31 -16.15 22.39
CA ARG D 36 2.02 -16.54 22.93
C ARG D 36 1.66 -15.72 24.17
N ARG D 37 2.67 -15.24 24.91
CA ARG D 37 2.40 -14.32 26.02
C ARG D 37 1.99 -12.94 25.49
N LEU D 38 2.66 -12.48 24.43
CA LEU D 38 2.20 -11.30 23.70
C LEU D 38 0.75 -11.44 23.27
N ALA D 39 0.38 -12.64 22.80
CA ALA D 39 -1.00 -12.91 22.40
C ALA D 39 -1.94 -12.92 23.60
N ARG D 40 -1.50 -13.52 24.70
CA ARG D 40 -2.30 -13.53 25.92
C ARG D 40 -2.60 -12.11 26.39
N ARG D 41 -1.68 -11.19 26.13
CA ARG D 41 -1.93 -9.80 26.50
C ARG D 41 -2.92 -9.09 25.56
N GLY D 42 -2.95 -9.45 24.29
CA GLY D 42 -4.01 -8.99 23.43
C GLY D 42 -5.27 -9.78 23.68
N GLY D 43 -6.34 -9.38 22.99
CA GLY D 43 -7.52 -10.22 23.00
C GLY D 43 -7.36 -11.53 22.24
N VAL D 44 -6.15 -11.78 21.74
CA VAL D 44 -5.79 -12.88 20.84
C VAL D 44 -6.34 -14.23 21.29
N LYS D 45 -7.11 -14.87 20.40
CA LYS D 45 -7.62 -16.21 20.61
C LYS D 45 -7.42 -17.03 19.34
N ARG D 46 -7.17 -18.33 19.54
CA ARG D 46 -6.95 -19.29 18.47
C ARG D 46 -5.77 -18.89 17.57
N ILE D 47 -4.58 -18.93 18.18
CA ILE D 47 -3.34 -18.71 17.44
C ILE D 47 -3.05 -19.92 16.57
N SER D 48 -2.70 -19.68 15.32
CA SER D 48 -2.30 -20.76 14.42
C SER D 48 -0.77 -20.90 14.43
N GLY D 49 -0.27 -21.83 13.64
CA GLY D 49 1.14 -22.15 13.63
C GLY D 49 2.00 -21.42 12.61
N LEU D 50 1.44 -20.45 11.89
CA LEU D 50 2.19 -19.69 10.90
C LEU D 50 2.52 -18.27 11.35
N ILE D 51 1.77 -17.73 12.32
CA ILE D 51 1.96 -16.35 12.75
C ILE D 51 3.34 -16.12 13.35
N TYR D 52 4.05 -17.17 13.77
CA TYR D 52 5.38 -16.98 14.35
C TYR D 52 6.34 -16.35 13.35
N GLU D 53 6.46 -16.94 12.16
CA GLU D 53 7.43 -16.46 11.18
C GLU D 53 7.06 -15.06 10.67
N GLU D 54 5.77 -14.81 10.42
CA GLU D 54 5.35 -13.49 9.99
C GLU D 54 5.57 -12.45 11.08
N THR D 55 5.35 -12.81 12.34
CA THR D 55 5.65 -11.91 13.45
C THR D 55 7.13 -11.58 13.49
N ARG D 56 7.99 -12.58 13.30
CA ARG D 56 9.43 -12.32 13.28
C ARG D 56 9.80 -11.39 12.14
N GLY D 57 9.22 -11.60 10.96
CA GLY D 57 9.54 -10.76 9.81
C GLY D 57 9.09 -9.32 9.98
N VAL D 58 7.85 -9.12 10.43
CA VAL D 58 7.35 -7.76 10.64
C VAL D 58 8.09 -7.10 11.80
N LEU D 59 8.52 -7.90 12.78
CA LEU D 59 9.34 -7.37 13.86
C LEU D 59 10.67 -6.86 13.34
N LYS D 60 11.31 -7.62 12.45
CA LYS D 60 12.57 -7.17 11.86
C LYS D 60 12.35 -5.90 11.03
N VAL D 61 11.26 -5.85 10.26
CA VAL D 61 10.98 -4.67 9.43
C VAL D 61 10.81 -3.43 10.30
N PHE D 62 9.94 -3.51 11.31
CA PHE D 62 9.65 -2.34 12.14
C PHE D 62 10.86 -1.96 13.00
N LEU D 63 11.61 -2.97 13.49
CA LEU D 63 12.82 -2.70 14.27
C LEU D 63 13.86 -1.99 13.43
N GLU D 64 14.04 -2.40 12.17
CA GLU D 64 14.99 -1.70 11.31
C GLU D 64 14.53 -0.28 11.05
N ASN D 65 13.23 -0.08 10.80
CA ASN D 65 12.71 1.26 10.57
C ASN D 65 12.96 2.17 11.77
N VAL D 66 12.84 1.65 12.99
CA VAL D 66 13.03 2.51 14.17
C VAL D 66 14.50 2.65 14.56
N ILE D 67 15.31 1.58 14.41
CA ILE D 67 16.72 1.66 14.79
C ILE D 67 17.50 2.53 13.81
N ARG D 68 17.07 2.64 12.55
CA ARG D 68 17.67 3.63 11.67
C ARG D 68 17.62 5.02 12.30
N ASP D 69 16.42 5.44 12.71
CA ASP D 69 16.25 6.75 13.32
C ASP D 69 16.99 6.85 14.65
N ALA D 70 16.98 5.77 15.44
CA ALA D 70 17.66 5.78 16.74
C ALA D 70 19.16 6.01 16.59
N VAL D 71 19.80 5.26 15.68
CA VAL D 71 21.24 5.40 15.51
C VAL D 71 21.57 6.75 14.87
N THR D 72 20.71 7.26 13.98
CA THR D 72 20.95 8.61 13.46
C THR D 72 20.87 9.64 14.57
N TYR D 73 19.89 9.52 15.46
CA TYR D 73 19.76 10.47 16.57
C TYR D 73 20.95 10.39 17.52
N THR D 74 21.47 9.18 17.76
CA THR D 74 22.62 9.06 18.64
C THR D 74 23.91 9.55 17.97
N GLU D 75 24.05 9.37 16.66
CA GLU D 75 25.24 9.83 15.96
C GLU D 75 25.25 11.34 15.78
N HIS D 76 24.08 11.96 15.62
CA HIS D 76 23.98 13.41 15.54
C HIS D 76 23.83 14.08 16.90
N ALA D 77 23.82 13.31 17.98
CA ALA D 77 23.95 13.81 19.34
C ALA D 77 25.39 13.75 19.83
N LYS D 78 26.35 13.67 18.89
CA LYS D 78 27.80 13.64 19.16
C LYS D 78 28.16 12.73 20.32
N ARG D 79 27.75 11.47 20.23
CA ARG D 79 28.16 10.44 21.17
C ARG D 79 27.87 9.08 20.57
N LYS D 80 28.51 8.05 21.13
CA LYS D 80 28.32 6.68 20.68
C LYS D 80 27.45 5.85 21.61
N THR D 81 26.87 6.46 22.64
CA THR D 81 26.02 5.76 23.59
C THR D 81 24.56 6.04 23.26
N VAL D 82 23.80 4.98 23.01
CA VAL D 82 22.38 5.08 22.65
C VAL D 82 21.57 5.03 23.94
N THR D 83 21.01 6.17 24.34
CA THR D 83 20.22 6.26 25.55
C THR D 83 18.73 6.07 25.24
N ALA D 84 17.91 6.04 26.29
CA ALA D 84 16.46 5.87 26.11
C ALA D 84 15.82 7.10 25.49
N MET D 85 16.43 8.27 25.70
CA MET D 85 15.83 9.50 25.21
C MET D 85 15.78 9.52 23.69
N ASP D 86 16.83 9.05 23.04
CA ASP D 86 16.83 8.92 21.58
C ASP D 86 15.73 7.97 21.13
N VAL D 87 15.54 6.87 21.87
CA VAL D 87 14.49 5.91 21.56
C VAL D 87 13.12 6.60 21.56
N VAL D 88 12.81 7.32 22.65
CA VAL D 88 11.49 7.94 22.74
C VAL D 88 11.33 9.07 21.73
N TYR D 89 12.41 9.78 21.40
CA TYR D 89 12.36 10.78 20.34
C TYR D 89 11.93 10.14 19.02
N ALA D 90 12.54 9.01 18.67
CA ALA D 90 12.18 8.32 17.43
C ALA D 90 10.73 7.85 17.46
N LEU D 91 10.30 7.26 18.58
CA LEU D 91 8.93 6.77 18.69
C LEU D 91 7.92 7.89 18.50
N LYS D 92 8.16 9.05 19.11
CA LYS D 92 7.21 10.15 18.96
C LYS D 92 7.34 10.88 17.63
N ARG D 93 8.48 10.77 16.94
CA ARG D 93 8.55 11.31 15.58
C ARG D 93 7.71 10.47 14.61
N GLN D 94 7.84 9.14 14.70
CA GLN D 94 7.09 8.28 13.77
C GLN D 94 5.59 8.47 13.92
N GLY D 95 5.09 8.52 15.16
CA GLY D 95 3.69 8.75 15.41
C GLY D 95 2.76 7.71 14.82
N THR E 4 -14.77 15.48 -20.14
CA THR E 4 -14.08 14.57 -19.25
C THR E 4 -15.08 13.79 -18.40
N GLU E 5 -14.77 12.51 -18.17
CA GLU E 5 -15.54 11.68 -17.25
C GLU E 5 -14.88 11.79 -15.88
N LEU E 6 -15.57 12.38 -14.92
CA LEU E 6 -15.04 12.63 -13.59
C LEU E 6 -15.92 11.97 -12.53
N LEU E 7 -15.53 12.17 -11.29
CA LEU E 7 -16.24 11.67 -10.11
C LEU E 7 -17.23 12.73 -9.63
N ILE E 8 -17.68 12.62 -8.37
CA ILE E 8 -18.86 13.29 -7.83
C ILE E 8 -19.01 14.72 -8.35
N ARG E 9 -20.24 15.07 -8.70
CA ARG E 9 -20.51 16.35 -9.34
C ARG E 9 -20.35 17.49 -8.35
N LYS E 10 -19.90 18.64 -8.88
CA LYS E 10 -19.36 19.70 -8.04
C LYS E 10 -20.44 20.37 -7.19
N LEU E 11 -21.62 20.57 -7.75
CA LEU E 11 -22.62 21.42 -7.10
C LEU E 11 -23.19 20.81 -5.82
N PRO E 12 -23.63 19.55 -5.79
CA PRO E 12 -24.14 19.00 -4.50
C PRO E 12 -23.09 18.98 -3.41
N PHE E 13 -21.84 18.65 -3.76
CA PHE E 13 -20.78 18.66 -2.77
C PHE E 13 -20.54 20.07 -2.24
N GLN E 14 -20.54 21.08 -3.11
CA GLN E 14 -20.31 22.44 -2.66
C GLN E 14 -21.46 22.91 -1.77
N ARG E 15 -22.70 22.54 -2.10
CA ARG E 15 -23.85 22.91 -1.27
C ARG E 15 -23.77 22.25 0.10
N LEU E 16 -23.42 20.96 0.16
CA LEU E 16 -23.27 20.29 1.44
C LEU E 16 -22.15 20.91 2.26
N VAL E 17 -21.04 21.25 1.60
CA VAL E 17 -19.93 21.89 2.31
C VAL E 17 -20.36 23.24 2.87
N ARG E 18 -21.12 24.02 2.09
CA ARG E 18 -21.58 25.30 2.60
C ARG E 18 -22.52 25.13 3.78
N GLU E 19 -23.42 24.15 3.72
CA GLU E 19 -24.33 23.90 4.84
C GLU E 19 -23.56 23.50 6.10
N ILE E 20 -22.65 22.54 5.97
CA ILE E 20 -21.85 22.07 7.10
C ILE E 20 -20.88 23.15 7.59
N ALA E 21 -20.51 24.11 6.74
CA ALA E 21 -19.64 25.21 7.13
C ALA E 21 -20.40 26.33 7.81
N GLN E 22 -21.62 26.61 7.36
CA GLN E 22 -22.47 27.58 8.05
C GLN E 22 -23.01 27.01 9.35
N ASP E 23 -22.95 25.69 9.55
CA ASP E 23 -23.28 25.12 10.84
C ASP E 23 -22.38 25.68 11.95
N PHE E 24 -21.10 25.92 11.64
CA PHE E 24 -20.12 26.38 12.63
C PHE E 24 -19.86 27.87 12.58
N LYS E 25 -19.75 28.45 11.39
CA LYS E 25 -19.50 29.88 11.23
C LYS E 25 -20.38 30.44 10.12
N THR E 26 -20.69 31.73 10.22
CA THR E 26 -21.56 32.42 9.29
C THR E 26 -20.76 33.47 8.53
N ASP E 27 -21.27 33.83 7.34
CA ASP E 27 -20.72 34.89 6.51
C ASP E 27 -19.28 34.59 6.08
N LEU E 28 -19.17 33.54 5.25
CA LEU E 28 -17.88 33.10 4.72
C LEU E 28 -17.64 33.62 3.31
N ARG E 29 -16.36 33.74 2.96
CA ARG E 29 -15.89 34.08 1.62
C ARG E 29 -15.06 32.92 1.11
N PHE E 30 -15.54 32.26 0.05
CA PHE E 30 -14.88 31.08 -0.49
C PHE E 30 -14.10 31.42 -1.75
N GLN E 31 -13.06 30.65 -2.02
CA GLN E 31 -12.35 30.70 -3.28
C GLN E 31 -12.66 29.44 -4.07
N SER E 32 -12.70 29.58 -5.40
CA SER E 32 -13.02 28.44 -6.24
C SER E 32 -12.00 27.31 -6.06
N SER E 33 -10.72 27.68 -5.98
CA SER E 33 -9.68 26.67 -5.77
C SER E 33 -9.85 25.96 -4.44
N ALA E 34 -10.32 26.65 -3.40
CA ALA E 34 -10.52 26.01 -2.11
C ALA E 34 -11.58 24.92 -2.18
N VAL E 35 -12.70 25.20 -2.85
CA VAL E 35 -13.75 24.20 -2.99
C VAL E 35 -13.28 23.03 -3.85
N MET E 36 -12.52 23.31 -4.92
CA MET E 36 -11.97 22.23 -5.72
C MET E 36 -11.03 21.35 -4.89
N ALA E 37 -10.19 21.97 -4.07
CA ALA E 37 -9.27 21.21 -3.20
C ALA E 37 -10.04 20.36 -2.21
N LEU E 38 -11.09 20.91 -1.60
CA LEU E 38 -11.93 20.12 -0.71
C LEU E 38 -12.49 18.90 -1.42
N GLN E 39 -13.09 19.11 -2.60
CA GLN E 39 -13.72 18.01 -3.32
C GLN E 39 -12.70 16.93 -3.67
N GLU E 40 -11.55 17.34 -4.19
CA GLU E 40 -10.54 16.38 -4.63
C GLU E 40 -9.95 15.61 -3.45
N ALA E 41 -9.64 16.29 -2.35
CA ALA E 41 -9.07 15.61 -1.20
C ALA E 41 -10.08 14.62 -0.59
N CYS E 42 -11.35 15.05 -0.47
CA CYS E 42 -12.37 14.14 0.03
C CYS E 42 -12.52 12.92 -0.87
N GLU E 43 -12.49 13.14 -2.19
CA GLU E 43 -12.62 12.03 -3.13
C GLU E 43 -11.46 11.05 -2.99
N ALA E 44 -10.23 11.56 -2.85
CA ALA E 44 -9.07 10.68 -2.73
C ALA E 44 -9.15 9.86 -1.44
N TYR E 45 -9.44 10.51 -0.32
CA TYR E 45 -9.54 9.80 0.95
C TYR E 45 -10.67 8.77 0.91
N LEU E 46 -11.77 9.11 0.25
CA LEU E 46 -12.89 8.18 0.13
C LEU E 46 -12.53 6.97 -0.73
N VAL E 47 -11.78 7.17 -1.81
CA VAL E 47 -11.35 6.04 -2.62
C VAL E 47 -10.42 5.12 -1.82
N GLY E 48 -9.51 5.70 -1.04
CA GLY E 48 -8.65 4.88 -0.20
C GLY E 48 -9.44 4.05 0.80
N LEU E 49 -10.39 4.70 1.48
CA LEU E 49 -11.19 3.98 2.46
C LEU E 49 -12.09 2.94 1.81
N PHE E 50 -12.61 3.23 0.61
CA PHE E 50 -13.40 2.26 -0.15
C PHE E 50 -12.56 1.04 -0.51
N GLU E 51 -11.30 1.27 -0.89
CA GLU E 51 -10.42 0.17 -1.23
C GLU E 51 -10.17 -0.72 -0.01
N ASP E 52 -9.91 -0.10 1.15
CA ASP E 52 -9.75 -0.89 2.38
C ASP E 52 -11.05 -1.64 2.72
N THR E 53 -12.21 -1.00 2.51
CA THR E 53 -13.48 -1.65 2.80
C THR E 53 -13.71 -2.87 1.91
N ASN E 54 -13.37 -2.75 0.63
CA ASN E 54 -13.48 -3.90 -0.26
C ASN E 54 -12.53 -5.02 0.16
N LEU E 55 -11.32 -4.66 0.61
CA LEU E 55 -10.40 -5.68 1.11
C LEU E 55 -10.99 -6.41 2.30
N CYS E 56 -11.61 -5.67 3.24
CA CYS E 56 -12.20 -6.30 4.41
C CYS E 56 -13.39 -7.18 4.04
N ALA E 57 -14.25 -6.70 3.15
CA ALA E 57 -15.40 -7.51 2.73
C ALA E 57 -14.94 -8.76 1.99
N ILE E 58 -13.84 -8.67 1.24
CA ILE E 58 -13.30 -9.85 0.55
C ILE E 58 -12.66 -10.81 1.56
N HIS E 59 -12.05 -10.29 2.62
CA HIS E 59 -11.43 -11.16 3.62
C HIS E 59 -12.46 -12.05 4.30
N ALA E 60 -13.68 -11.57 4.47
CA ALA E 60 -14.73 -12.30 5.18
C ALA E 60 -15.46 -13.30 4.29
N LYS E 61 -14.93 -13.58 3.09
CA LYS E 61 -15.52 -14.57 2.18
C LYS E 61 -16.89 -14.14 1.65
N ARG E 62 -17.15 -12.84 1.59
CA ARG E 62 -18.41 -12.31 1.10
C ARG E 62 -18.19 -11.40 -0.10
N VAL E 63 -19.05 -11.54 -1.11
CA VAL E 63 -19.00 -10.65 -2.27
C VAL E 63 -19.75 -9.36 -2.04
N THR E 64 -20.57 -9.28 -1.00
CA THR E 64 -21.37 -8.11 -0.70
C THR E 64 -20.67 -7.26 0.36
N ILE E 65 -20.73 -5.94 0.19
CA ILE E 65 -20.13 -5.01 1.14
C ILE E 65 -21.21 -4.53 2.10
N MET E 66 -20.84 -4.39 3.37
CA MET E 66 -21.75 -4.03 4.44
C MET E 66 -21.05 -3.03 5.35
N PRO E 67 -21.82 -2.23 6.11
CA PRO E 67 -21.19 -1.19 6.95
C PRO E 67 -20.23 -1.73 8.01
N LYS E 68 -20.34 -3.02 8.37
CA LYS E 68 -19.40 -3.60 9.31
C LYS E 68 -17.97 -3.50 8.80
N ASP E 69 -17.78 -3.73 7.50
CA ASP E 69 -16.46 -3.57 6.90
C ASP E 69 -15.99 -2.13 7.02
N ILE E 70 -16.91 -1.16 6.84
CA ILE E 70 -16.56 0.25 6.97
C ILE E 70 -16.04 0.55 8.37
N GLN E 71 -16.77 0.11 9.39
CA GLN E 71 -16.35 0.37 10.77
C GLN E 71 -15.04 -0.34 11.10
N LEU E 72 -14.87 -1.58 10.63
CA LEU E 72 -13.62 -2.28 10.91
C LEU E 72 -12.42 -1.57 10.29
N ALA E 73 -12.56 -1.12 9.03
CA ALA E 73 -11.47 -0.39 8.40
C ALA E 73 -11.19 0.92 9.13
N ARG E 74 -12.24 1.65 9.50
CA ARG E 74 -12.05 2.92 10.20
C ARG E 74 -11.34 2.71 11.54
N ARG E 75 -11.66 1.62 12.24
CA ARG E 75 -11.04 1.40 13.54
C ARG E 75 -9.60 0.89 13.40
N ILE E 76 -9.31 0.06 12.40
CA ILE E 76 -7.94 -0.39 12.21
C ILE E 76 -7.05 0.77 11.79
N ARG E 77 -7.58 1.70 10.98
CA ARG E 77 -6.85 2.93 10.69
C ARG E 77 -6.52 3.69 11.97
N GLY E 78 -7.41 3.65 12.95
CA GLY E 78 -7.27 4.42 14.16
C GLY E 78 -8.11 5.68 14.19
N GLU E 79 -9.24 5.71 13.51
CA GLU E 79 -10.09 6.89 13.37
C GLU E 79 -11.45 6.58 13.99
N ARG E 80 -11.54 6.77 15.32
CA ARG E 80 -12.79 6.59 16.04
C ARG E 80 -13.09 7.69 17.05
N ALA E 81 -12.08 8.40 17.55
CA ALA E 81 -12.29 9.47 18.52
C ALA E 81 -11.14 10.47 18.50
N ILE F 27 -29.07 19.18 2.67
CA ILE F 27 -29.32 18.26 3.77
C ILE F 27 -29.08 16.83 3.31
N GLN F 28 -27.88 16.31 3.61
CA GLN F 28 -27.44 15.01 3.10
C GLN F 28 -27.57 14.97 1.58
N GLY F 29 -27.19 16.08 0.93
CA GLY F 29 -27.35 16.23 -0.49
C GLY F 29 -26.19 15.71 -1.32
N ILE F 30 -26.03 14.38 -1.34
CA ILE F 30 -25.05 13.72 -2.18
C ILE F 30 -25.81 12.79 -3.13
N THR F 31 -25.58 12.95 -4.42
CA THR F 31 -26.26 12.12 -5.41
C THR F 31 -25.83 10.67 -5.28
N LYS F 32 -26.81 9.76 -5.34
CA LYS F 32 -26.50 8.34 -5.23
C LYS F 32 -25.57 7.83 -6.33
N PRO F 33 -25.72 8.21 -7.60
CA PRO F 33 -24.73 7.78 -8.60
C PRO F 33 -23.33 8.27 -8.32
N ALA F 34 -23.15 9.37 -7.58
CA ALA F 34 -21.80 9.74 -7.14
C ALA F 34 -21.20 8.66 -6.25
N ILE F 35 -22.01 8.11 -5.33
CA ILE F 35 -21.55 7.00 -4.49
C ILE F 35 -21.29 5.76 -5.35
N ARG F 36 -22.12 5.53 -6.38
CA ARG F 36 -21.86 4.39 -7.25
C ARG F 36 -20.53 4.54 -7.99
N ARG F 37 -20.24 5.75 -8.49
CA ARG F 37 -18.96 6.00 -9.14
C ARG F 37 -17.80 5.82 -8.17
N LEU F 38 -17.97 6.27 -6.92
CA LEU F 38 -16.94 6.05 -5.90
C LEU F 38 -16.70 4.57 -5.68
N ALA F 39 -17.77 3.78 -5.63
CA ALA F 39 -17.63 2.33 -5.46
C ALA F 39 -16.89 1.72 -6.64
N ARG F 40 -17.19 2.20 -7.85
CA ARG F 40 -16.53 1.66 -9.04
C ARG F 40 -15.05 2.01 -9.07
N ARG F 41 -14.68 3.21 -8.60
CA ARG F 41 -13.27 3.58 -8.57
C ARG F 41 -12.48 2.77 -7.55
N GLY F 42 -13.15 2.24 -6.52
CA GLY F 42 -12.54 1.35 -5.57
C GLY F 42 -12.65 -0.12 -5.89
N GLY F 43 -13.22 -0.48 -7.04
CA GLY F 43 -13.35 -1.86 -7.43
C GLY F 43 -14.46 -2.63 -6.75
N VAL F 44 -15.38 -1.95 -6.06
CA VAL F 44 -16.48 -2.62 -5.40
C VAL F 44 -17.46 -3.16 -6.44
N LYS F 45 -18.04 -4.33 -6.14
CA LYS F 45 -18.86 -5.05 -7.10
C LYS F 45 -20.32 -5.15 -6.69
N ARG F 46 -20.60 -5.53 -5.44
CA ARG F 46 -21.96 -5.77 -4.96
C ARG F 46 -22.17 -5.00 -3.66
N ILE F 47 -22.91 -3.89 -3.72
CA ILE F 47 -23.27 -3.12 -2.55
C ILE F 47 -24.72 -3.42 -2.20
N SER F 48 -25.09 -3.18 -0.95
CA SER F 48 -26.45 -3.33 -0.48
C SER F 48 -27.18 -2.00 -0.53
N GLY F 49 -28.49 -2.04 -0.29
CA GLY F 49 -29.30 -0.84 -0.33
C GLY F 49 -29.21 0.02 0.91
N LEU F 50 -28.12 -0.14 1.68
CA LEU F 50 -27.97 0.56 2.95
C LEU F 50 -26.68 1.36 3.07
N ILE F 51 -25.72 1.20 2.16
CA ILE F 51 -24.41 1.81 2.32
C ILE F 51 -24.45 3.32 2.15
N TYR F 52 -25.46 3.84 1.45
CA TYR F 52 -25.47 5.26 1.08
C TYR F 52 -25.47 6.17 2.30
N GLU F 53 -26.29 5.83 3.31
CA GLU F 53 -26.35 6.66 4.51
C GLU F 53 -25.03 6.62 5.28
N GLU F 54 -24.39 5.45 5.34
CA GLU F 54 -23.09 5.34 6.01
C GLU F 54 -22.04 6.20 5.30
N THR F 55 -22.03 6.17 3.96
CA THR F 55 -21.06 6.98 3.22
C THR F 55 -21.33 8.48 3.42
N ARG F 56 -22.60 8.89 3.41
CA ARG F 56 -22.91 10.30 3.67
C ARG F 56 -22.48 10.71 5.07
N GLY F 57 -22.69 9.82 6.05
CA GLY F 57 -22.27 10.12 7.40
C GLY F 57 -20.76 10.29 7.54
N VAL F 58 -19.99 9.38 6.92
CA VAL F 58 -18.53 9.51 7.00
C VAL F 58 -18.06 10.75 6.23
N LEU F 59 -18.70 11.08 5.11
CA LEU F 59 -18.37 12.31 4.40
C LEU F 59 -18.59 13.52 5.30
N LYS F 60 -19.74 13.57 5.99
CA LYS F 60 -19.98 14.67 6.91
C LYS F 60 -18.99 14.67 8.06
N VAL F 61 -18.59 13.48 8.52
CA VAL F 61 -17.63 13.37 9.62
C VAL F 61 -16.30 14.02 9.22
N PHE F 62 -15.81 13.69 8.02
CA PHE F 62 -14.54 14.25 7.59
C PHE F 62 -14.67 15.73 7.26
N LEU F 63 -15.80 16.12 6.65
CA LEU F 63 -16.04 17.51 6.28
C LEU F 63 -16.09 18.42 7.49
N GLU F 64 -16.76 18.02 8.57
CA GLU F 64 -16.88 18.90 9.72
C GLU F 64 -15.52 19.23 10.32
N ASN F 65 -14.65 18.22 10.46
CA ASN F 65 -13.32 18.47 11.00
C ASN F 65 -12.48 19.35 10.06
N VAL F 66 -12.47 19.02 8.76
CA VAL F 66 -11.60 19.79 7.88
C VAL F 66 -12.09 21.23 7.74
N ILE F 67 -13.41 21.45 7.69
CA ILE F 67 -13.95 22.80 7.64
C ILE F 67 -13.73 23.53 8.96
N ARG F 68 -13.77 22.83 10.10
CA ARG F 68 -13.43 23.50 11.36
C ARG F 68 -11.98 23.98 11.35
N ASP F 69 -11.06 23.14 10.88
CA ASP F 69 -9.66 23.57 10.78
C ASP F 69 -9.52 24.75 9.83
N ALA F 70 -10.18 24.69 8.68
CA ALA F 70 -10.08 25.77 7.70
C ALA F 70 -10.66 27.08 8.22
N VAL F 71 -11.81 27.02 8.91
CA VAL F 71 -12.41 28.23 9.42
C VAL F 71 -11.58 28.81 10.57
N THR F 72 -10.96 27.95 11.38
CA THR F 72 -10.05 28.47 12.40
C THR F 72 -8.85 29.17 11.77
N TYR F 73 -8.28 28.58 10.71
CA TYR F 73 -7.17 29.22 10.02
C TYR F 73 -7.59 30.55 9.39
N THR F 74 -8.80 30.62 8.84
CA THR F 74 -9.28 31.89 8.31
C THR F 74 -9.53 32.91 9.41
N GLU F 75 -9.98 32.46 10.59
CA GLU F 75 -10.28 33.38 11.68
C GLU F 75 -9.00 33.97 12.28
N HIS F 76 -7.95 33.16 12.44
CA HIS F 76 -6.71 33.71 12.98
C HIS F 76 -5.92 34.52 11.94
N ALA F 77 -6.29 34.44 10.66
CA ALA F 77 -5.70 35.28 9.63
C ALA F 77 -6.21 36.70 9.65
N LYS F 78 -7.20 36.99 10.50
CA LYS F 78 -7.81 38.31 10.65
C LYS F 78 -8.53 38.74 9.37
N ARG F 79 -9.29 37.82 8.78
CA ARG F 79 -10.13 38.09 7.63
C ARG F 79 -11.17 36.97 7.53
N LYS F 80 -12.10 37.13 6.58
CA LYS F 80 -13.22 36.21 6.44
C LYS F 80 -13.18 35.40 5.14
N THR F 81 -12.04 35.37 4.46
CA THR F 81 -11.93 34.67 3.18
C THR F 81 -11.29 33.31 3.37
N VAL F 82 -11.89 32.29 2.76
CA VAL F 82 -11.38 30.92 2.79
C VAL F 82 -10.61 30.69 1.49
N THR F 83 -9.31 30.40 1.62
CA THR F 83 -8.45 30.18 0.48
C THR F 83 -7.93 28.75 0.47
N ALA F 84 -7.43 28.33 -0.69
CA ALA F 84 -6.90 26.97 -0.84
C ALA F 84 -5.69 26.74 0.06
N MET F 85 -4.96 27.79 0.40
CA MET F 85 -3.82 27.64 1.30
C MET F 85 -4.30 27.22 2.69
N ASP F 86 -5.42 27.79 3.15
CA ASP F 86 -6.03 27.31 4.39
C ASP F 86 -6.37 25.83 4.30
N VAL F 87 -6.88 25.40 3.14
CA VAL F 87 -7.27 24.01 2.95
C VAL F 87 -6.04 23.10 3.06
N VAL F 88 -4.94 23.47 2.39
CA VAL F 88 -3.77 22.60 2.43
C VAL F 88 -3.13 22.61 3.82
N TYR F 89 -3.17 23.74 4.52
CA TYR F 89 -2.67 23.76 5.90
C TYR F 89 -3.51 22.86 6.80
N ALA F 90 -4.84 22.88 6.62
CA ALA F 90 -5.69 21.97 7.39
C ALA F 90 -5.42 20.52 7.05
N LEU F 91 -5.13 20.24 5.78
CA LEU F 91 -4.86 18.87 5.35
C LEU F 91 -3.50 18.38 5.85
N LYS F 92 -2.55 19.29 6.07
CA LYS F 92 -1.18 18.89 6.42
C LYS F 92 -1.12 18.15 7.75
N ARG F 93 -2.03 18.43 8.68
CA ARG F 93 -1.94 17.84 10.02
C ARG F 93 -2.10 16.32 9.95
N GLN F 94 -3.02 15.83 9.12
CA GLN F 94 -3.28 14.39 9.09
C GLN F 94 -2.13 13.63 8.44
N GLY F 95 -1.50 14.22 7.44
CA GLY F 95 -0.40 13.58 6.73
C GLY F 95 -0.59 13.58 5.23
N ARG F 96 -1.57 14.34 4.75
CA ARG F 96 -1.87 14.47 3.33
C ARG F 96 -1.63 15.91 2.91
N THR F 97 -0.77 16.10 1.92
CA THR F 97 -0.24 17.42 1.60
C THR F 97 -0.78 17.99 0.29
N GLU G 36 7.34 32.82 -2.56
CA GLU G 36 6.21 32.97 -3.47
C GLU G 36 6.23 31.87 -4.53
N SER G 37 6.71 32.23 -5.73
CA SER G 37 6.85 31.29 -6.84
C SER G 37 8.33 31.05 -7.08
N TYR G 38 8.75 29.80 -6.99
CA TYR G 38 10.13 29.40 -7.26
C TYR G 38 10.26 28.75 -8.63
N SER G 39 9.54 29.28 -9.62
CA SER G 39 9.45 28.63 -10.92
C SER G 39 10.72 28.76 -11.72
N ILE G 40 11.46 29.86 -11.56
CA ILE G 40 12.62 30.13 -12.42
C ILE G 40 13.76 29.18 -12.10
N TYR G 41 14.03 28.91 -10.82
CA TYR G 41 15.09 27.97 -10.47
C TYR G 41 14.77 26.56 -10.94
N VAL G 42 13.51 26.17 -10.87
CA VAL G 42 13.09 24.87 -11.39
C VAL G 42 13.26 24.82 -12.90
N TYR G 43 12.92 25.91 -13.60
CA TYR G 43 13.13 25.97 -15.04
C TYR G 43 14.61 25.87 -15.39
N LYS G 44 15.48 26.46 -14.56
CA LYS G 44 16.92 26.38 -14.80
C LYS G 44 17.45 24.96 -14.59
N VAL G 45 17.03 24.29 -13.52
CA VAL G 45 17.49 22.91 -13.33
C VAL G 45 16.89 22.00 -14.40
N LEU G 46 15.69 22.32 -14.89
CA LEU G 46 15.11 21.60 -16.01
C LEU G 46 15.96 21.74 -17.26
N LYS G 47 16.44 22.96 -17.53
CA LYS G 47 17.37 23.17 -18.62
C LYS G 47 18.69 22.47 -18.37
N GLN G 48 19.07 22.31 -17.09
CA GLN G 48 20.32 21.64 -16.75
C GLN G 48 20.27 20.15 -17.10
N VAL G 49 19.22 19.47 -16.69
CA VAL G 49 19.16 18.01 -16.88
C VAL G 49 18.66 17.65 -18.28
N HIS G 50 17.56 18.27 -18.75
CA HIS G 50 17.03 18.03 -20.08
C HIS G 50 16.64 19.36 -20.70
N PRO G 51 17.56 19.97 -21.45
CA PRO G 51 17.31 21.35 -21.94
C PRO G 51 16.15 21.47 -22.90
N ASP G 52 15.84 20.42 -23.66
CA ASP G 52 14.79 20.51 -24.68
C ASP G 52 13.37 20.49 -24.08
N THR G 53 13.24 20.23 -22.79
CA THR G 53 11.94 20.08 -22.16
C THR G 53 11.37 21.42 -21.70
N GLY G 54 10.08 21.41 -21.37
CA GLY G 54 9.41 22.56 -20.79
C GLY G 54 8.50 22.09 -19.66
N ILE G 55 7.45 22.86 -19.36
CA ILE G 55 6.50 22.42 -18.34
C ILE G 55 5.18 23.21 -18.46
N SER G 56 4.07 22.52 -18.23
CA SER G 56 2.76 23.17 -18.20
C SER G 56 2.55 23.88 -16.86
N SER G 57 1.71 24.92 -16.89
CA SER G 57 1.55 25.78 -15.71
C SER G 57 0.88 25.06 -14.55
N LYS G 58 -0.04 24.13 -14.85
CA LYS G 58 -0.68 23.35 -13.78
C LYS G 58 0.37 22.50 -13.06
N ALA G 59 1.15 21.74 -13.82
CA ALA G 59 2.25 21.00 -13.22
C ALA G 59 3.25 21.92 -12.55
N MET G 60 3.36 23.17 -13.01
CA MET G 60 4.31 24.10 -12.41
C MET G 60 3.84 24.54 -11.04
N GLY G 61 2.55 24.86 -10.90
CA GLY G 61 1.99 25.15 -9.59
C GLY G 61 2.04 23.96 -8.65
N ILE G 62 1.84 22.75 -9.18
CA ILE G 62 1.98 21.55 -8.36
C ILE G 62 3.43 21.39 -7.90
N MET G 63 4.38 21.72 -8.76
CA MET G 63 5.79 21.72 -8.36
C MET G 63 6.06 22.71 -7.24
N ASN G 64 5.50 23.92 -7.34
CA ASN G 64 5.66 24.90 -6.27
C ASN G 64 5.05 24.39 -4.97
N SER G 65 3.86 23.79 -5.05
CA SER G 65 3.23 23.24 -3.84
C SER G 65 4.08 22.14 -3.22
N PHE G 66 4.63 21.24 -4.05
CA PHE G 66 5.45 20.15 -3.52
C PHE G 66 6.72 20.67 -2.86
N VAL G 67 7.41 21.62 -3.52
CA VAL G 67 8.66 22.11 -2.94
C VAL G 67 8.38 22.89 -1.66
N ASN G 68 7.28 23.66 -1.63
CA ASN G 68 6.88 24.35 -0.41
C ASN G 68 6.62 23.35 0.71
N ASP G 69 5.91 22.26 0.40
CA ASP G 69 5.57 21.29 1.44
C ASP G 69 6.81 20.59 2.00
N ILE G 70 7.71 20.14 1.12
CA ILE G 70 8.89 19.42 1.61
C ILE G 70 9.82 20.38 2.36
N PHE G 71 9.92 21.63 1.89
CA PHE G 71 10.69 22.63 2.62
C PHE G 71 10.10 22.87 4.01
N GLU G 72 8.77 22.97 4.11
CA GLU G 72 8.17 23.18 5.42
C GLU G 72 8.33 21.97 6.33
N ARG G 73 8.27 20.75 5.79
CA ARG G 73 8.50 19.56 6.60
C ARG G 73 9.92 19.53 7.16
N ILE G 74 10.92 19.73 6.30
CA ILE G 74 12.29 19.69 6.79
C ILE G 74 12.56 20.87 7.72
N ALA G 75 11.90 22.02 7.48
CA ALA G 75 12.09 23.17 8.35
C ALA G 75 11.46 22.97 9.72
N GLY G 76 10.29 22.32 9.77
CA GLY G 76 9.71 21.97 11.05
C GLY G 76 10.57 20.97 11.80
N GLU G 77 11.14 20.00 11.09
CA GLU G 77 12.06 19.07 11.73
C GLU G 77 13.28 19.80 12.30
N ALA G 78 13.82 20.77 11.54
CA ALA G 78 14.96 21.53 12.02
C ALA G 78 14.61 22.42 13.20
N SER G 79 13.40 22.99 13.21
CA SER G 79 12.99 23.81 14.34
C SER G 79 12.78 22.96 15.59
N ARG G 80 12.34 21.71 15.42
CA ARG G 80 12.28 20.79 16.55
C ARG G 80 13.69 20.43 17.04
N LEU G 81 14.62 20.19 16.12
CA LEU G 81 16.00 19.91 16.53
C LEU G 81 16.70 21.12 17.14
N ALA G 82 16.24 22.33 16.83
CA ALA G 82 16.73 23.51 17.53
C ALA G 82 16.38 23.47 19.01
N HIS G 83 15.52 22.54 19.41
CA HIS G 83 15.19 22.31 20.81
C HIS G 83 15.63 20.94 21.31
N TYR G 84 15.80 19.95 20.43
CA TYR G 84 16.29 18.64 20.85
C TYR G 84 17.71 18.72 21.40
N ASN G 85 18.62 19.31 20.63
CA ASN G 85 20.04 19.31 20.97
C ASN G 85 20.44 20.55 21.76
N LYS G 86 19.49 21.44 22.06
CA LYS G 86 19.60 22.61 22.93
C LYS G 86 20.38 23.77 22.32
N ARG G 87 20.72 23.71 21.04
CA ARG G 87 21.45 24.80 20.41
C ARG G 87 20.51 25.94 20.05
N SER G 88 20.89 27.16 20.41
CA SER G 88 20.08 28.33 20.08
C SER G 88 20.10 28.67 18.60
N THR G 89 20.97 28.03 17.82
CA THR G 89 21.08 28.26 16.40
C THR G 89 21.01 26.93 15.65
N ILE G 90 20.85 27.01 14.34
CA ILE G 90 20.73 25.83 13.49
C ILE G 90 21.92 25.79 12.53
N THR G 91 22.74 24.75 12.64
CA THR G 91 23.89 24.57 11.76
C THR G 91 23.50 23.64 10.61
N SER G 92 24.48 23.30 9.76
CA SER G 92 24.22 22.39 8.65
C SER G 92 24.11 20.94 9.12
N ARG G 93 24.63 20.61 10.30
CA ARG G 93 24.47 19.26 10.85
C ARG G 93 23.01 18.95 11.10
N GLU G 94 22.23 19.93 11.56
CA GLU G 94 20.81 19.72 11.79
C GLU G 94 20.07 19.46 10.48
N ILE G 95 20.41 20.19 9.42
CA ILE G 95 19.79 19.96 8.12
C ILE G 95 20.17 18.58 7.59
N GLN G 96 21.43 18.17 7.82
CA GLN G 96 21.87 16.83 7.43
C GLN G 96 21.08 15.76 8.17
N THR G 97 20.83 15.96 9.47
CA THR G 97 20.02 15.03 10.24
C THR G 97 18.60 14.97 9.71
N ALA G 98 18.01 16.12 9.39
CA ALA G 98 16.65 16.14 8.87
C ALA G 98 16.55 15.43 7.53
N VAL G 99 17.56 15.61 6.67
CA VAL G 99 17.60 14.92 5.39
C VAL G 99 17.71 13.41 5.61
N ARG G 100 18.60 12.99 6.51
CA ARG G 100 18.78 11.55 6.76
C ARG G 100 17.56 10.92 7.42
N LEU G 101 16.75 11.71 8.13
CA LEU G 101 15.56 11.18 8.78
C LEU G 101 14.36 11.11 7.85
N LEU G 102 14.01 12.23 7.21
CA LEU G 102 12.78 12.28 6.41
C LEU G 102 12.87 11.47 5.12
N LEU G 103 14.08 11.09 4.70
CA LEU G 103 14.27 10.43 3.43
C LEU G 103 14.59 8.94 3.61
N PRO G 104 14.29 8.12 2.59
CA PRO G 104 14.68 6.70 2.65
C PRO G 104 16.17 6.51 2.42
N GLY G 105 16.60 5.25 2.28
CA GLY G 105 18.01 4.90 2.20
C GLY G 105 18.84 5.61 1.14
N GLU G 106 18.55 5.37 -0.13
CA GLU G 106 19.38 5.90 -1.20
C GLU G 106 19.33 7.43 -1.24
N LEU G 107 18.14 8.01 -1.21
CA LEU G 107 18.00 9.46 -1.36
C LEU G 107 18.67 10.22 -0.22
N ALA G 108 18.68 9.65 0.99
CA ALA G 108 19.30 10.35 2.11
C ALA G 108 20.80 10.56 1.86
N LYS G 109 21.50 9.48 1.52
CA LYS G 109 22.93 9.60 1.22
C LYS G 109 23.17 10.43 -0.03
N HIS G 110 22.34 10.25 -1.05
CA HIS G 110 22.50 10.95 -2.32
C HIS G 110 22.18 12.44 -2.20
N ALA G 111 21.51 12.85 -1.12
CA ALA G 111 21.26 14.26 -0.83
C ALA G 111 22.27 14.86 0.13
N VAL G 112 22.72 14.09 1.13
CA VAL G 112 23.80 14.59 1.99
C VAL G 112 25.07 14.75 1.18
N SER G 113 25.22 13.99 0.09
CA SER G 113 26.36 14.21 -0.79
C SER G 113 26.35 15.63 -1.38
N GLU G 114 25.23 16.01 -2.01
CA GLU G 114 25.12 17.35 -2.59
C GLU G 114 25.22 18.42 -1.52
N GLY G 115 24.63 18.19 -0.35
CA GLY G 115 24.76 19.13 0.74
C GLY G 115 26.22 19.34 1.13
N THR G 116 26.97 18.25 1.28
CA THR G 116 28.38 18.37 1.65
C THR G 116 29.20 19.03 0.55
N LYS G 117 28.90 18.76 -0.72
CA LYS G 117 29.61 19.43 -1.80
C LYS G 117 29.37 20.93 -1.76
N ALA G 118 28.12 21.34 -1.57
CA ALA G 118 27.84 22.78 -1.54
C ALA G 118 28.42 23.46 -0.30
N VAL G 119 28.43 22.78 0.85
CA VAL G 119 29.01 23.42 2.03
C VAL G 119 30.54 23.46 1.94
N THR G 120 31.18 22.46 1.33
CA THR G 120 32.61 22.56 1.09
C THR G 120 32.94 23.56 0.01
N LYS G 121 31.97 23.90 -0.85
CA LYS G 121 32.14 24.98 -1.81
C LYS G 121 32.03 26.36 -1.14
N TYR G 122 31.08 26.51 -0.22
CA TYR G 122 30.97 27.77 0.51
C TYR G 122 32.13 27.97 1.46
N THR G 123 32.63 26.90 2.07
CA THR G 123 33.78 27.02 2.95
C THR G 123 35.09 27.25 2.21
N SER G 124 35.05 27.25 0.87
CA SER G 124 36.23 27.51 0.06
C SER G 124 36.35 28.98 -0.36
N SER G 125 35.42 29.83 0.05
CA SER G 125 35.45 31.27 -0.19
C SER G 125 35.67 31.61 -1.67
N THR H 23 25.44 38.52 -3.58
CA THR H 23 25.49 37.36 -4.45
C THR H 23 26.17 36.17 -3.77
N ARG H 24 25.63 35.75 -2.63
CA ARG H 24 26.13 34.56 -1.96
C ARG H 24 25.70 33.28 -2.65
N SER H 25 24.72 33.35 -3.56
CA SER H 25 24.32 32.16 -4.31
C SER H 25 25.42 31.73 -5.28
N SER H 26 26.19 32.67 -5.80
CA SER H 26 27.34 32.31 -6.63
C SER H 26 28.46 31.73 -5.78
N ARG H 27 28.65 32.24 -4.56
CA ARG H 27 29.64 31.65 -3.67
C ARG H 27 29.25 30.24 -3.26
N ALA H 28 27.94 29.98 -3.11
CA ALA H 28 27.48 28.64 -2.76
C ALA H 28 27.66 27.66 -3.91
N GLY H 29 27.60 28.15 -5.16
CA GLY H 29 27.83 27.31 -6.31
C GLY H 29 26.61 26.65 -6.90
N LEU H 30 25.42 26.96 -6.42
CA LEU H 30 24.19 26.36 -6.92
C LEU H 30 23.16 27.45 -7.20
N GLN H 31 22.17 27.11 -8.04
CA GLN H 31 21.24 28.12 -8.54
C GLN H 31 20.28 28.62 -7.47
N PHE H 32 19.96 27.80 -6.48
CA PHE H 32 18.92 28.16 -5.52
C PHE H 32 19.37 29.36 -4.67
N PRO H 33 18.43 30.25 -4.33
CA PRO H 33 18.78 31.47 -3.59
C PRO H 33 19.02 31.21 -2.11
N VAL H 34 20.27 30.88 -1.76
CA VAL H 34 20.65 30.58 -0.38
C VAL H 34 20.22 31.70 0.56
N GLY H 35 20.46 32.96 0.16
CA GLY H 35 20.07 34.08 1.00
C GLY H 35 18.57 34.19 1.18
N ARG H 36 17.81 33.94 0.10
CA ARG H 36 16.35 33.94 0.22
C ARG H 36 15.88 32.83 1.14
N VAL H 37 16.52 31.66 1.07
CA VAL H 37 16.19 30.57 1.97
C VAL H 37 16.44 30.98 3.41
N HIS H 38 17.58 31.61 3.67
CA HIS H 38 17.92 32.04 5.03
C HIS H 38 16.91 33.07 5.55
N ARG H 39 16.52 34.03 4.70
CA ARG H 39 15.58 35.06 5.12
C ARG H 39 14.19 34.49 5.38
N LEU H 40 13.74 33.52 4.56
CA LEU H 40 12.46 32.89 4.82
C LEU H 40 12.51 31.94 6.01
N LEU H 41 13.70 31.43 6.37
CA LEU H 41 13.82 30.64 7.58
C LEU H 41 13.70 31.49 8.82
N ARG H 42 14.38 32.65 8.86
CA ARG H 42 14.26 33.50 10.04
C ARG H 42 12.97 34.32 10.04
N LYS H 43 12.26 34.39 8.92
CA LYS H 43 10.96 35.06 8.88
C LYS H 43 9.89 34.21 9.54
N GLY H 44 9.96 32.89 9.41
CA GLY H 44 9.00 32.00 10.03
C GLY H 44 9.08 31.95 11.54
N ASN H 45 10.09 32.57 12.13
CA ASN H 45 10.26 32.66 13.59
C ASN H 45 10.21 31.27 14.22
N TYR H 46 11.07 30.39 13.73
CA TYR H 46 11.16 29.04 14.28
C TYR H 46 12.08 28.99 15.49
N SER H 47 13.18 29.73 15.47
CA SER H 47 14.15 29.69 16.54
C SER H 47 14.73 31.08 16.76
N GLU H 48 15.52 31.19 17.84
CA GLU H 48 16.11 32.49 18.21
C GLU H 48 17.19 32.91 17.21
N ARG H 49 18.26 32.14 17.13
CA ARG H 49 19.36 32.40 16.21
C ARG H 49 19.27 31.44 15.02
N VAL H 50 19.72 31.93 13.87
CA VAL H 50 19.76 31.13 12.65
C VAL H 50 21.18 31.17 12.11
N GLY H 51 21.70 29.99 11.71
CA GLY H 51 23.12 29.84 11.43
C GLY H 51 23.53 30.26 10.03
N ALA H 52 24.84 30.47 9.86
CA ALA H 52 25.39 30.93 8.59
C ALA H 52 25.57 29.81 7.57
N GLY H 53 25.57 28.55 8.00
CA GLY H 53 25.82 27.46 7.09
C GLY H 53 24.61 26.62 6.76
N ALA H 54 23.54 26.75 7.55
CA ALA H 54 22.31 26.01 7.30
C ALA H 54 21.68 26.34 5.95
N PRO H 55 21.51 27.62 5.56
CA PRO H 55 20.86 27.89 4.27
C PRO H 55 21.60 27.30 3.07
N VAL H 56 22.93 27.25 3.11
CA VAL H 56 23.71 26.69 2.01
C VAL H 56 23.38 25.20 1.83
N TYR H 57 23.44 24.44 2.93
CA TYR H 57 23.13 23.02 2.87
C TYR H 57 21.67 22.78 2.47
N LEU H 58 20.77 23.63 2.97
CA LEU H 58 19.35 23.48 2.65
C LEU H 58 19.10 23.71 1.17
N ALA H 59 19.65 24.80 0.62
CA ALA H 59 19.52 25.03 -0.81
C ALA H 59 20.20 23.93 -1.61
N ALA H 60 21.28 23.36 -1.09
CA ALA H 60 21.96 22.26 -1.76
C ALA H 60 21.06 21.04 -1.89
N VAL H 61 20.47 20.60 -0.78
CA VAL H 61 19.60 19.43 -0.84
C VAL H 61 18.33 19.74 -1.64
N LEU H 62 17.81 20.96 -1.54
CA LEU H 62 16.64 21.33 -2.35
C LEU H 62 16.95 21.29 -3.83
N GLU H 63 18.11 21.81 -4.23
CA GLU H 63 18.49 21.74 -5.64
C GLU H 63 18.73 20.31 -6.08
N TYR H 64 19.32 19.48 -5.21
CA TYR H 64 19.52 18.08 -5.58
C TYR H 64 18.19 17.38 -5.82
N LEU H 65 17.23 17.56 -4.90
CA LEU H 65 15.94 16.89 -5.06
C LEU H 65 15.20 17.44 -6.27
N THR H 66 15.25 18.76 -6.49
CA THR H 66 14.62 19.35 -7.67
C THR H 66 15.24 18.78 -8.95
N ALA H 67 16.56 18.66 -8.99
CA ALA H 67 17.22 18.13 -10.18
C ALA H 67 16.87 16.65 -10.40
N GLU H 68 16.83 15.85 -9.33
CA GLU H 68 16.49 14.44 -9.48
C GLU H 68 15.05 14.26 -9.96
N ILE H 69 14.11 15.01 -9.37
CA ILE H 69 12.72 14.85 -9.78
C ILE H 69 12.52 15.40 -11.19
N LEU H 70 13.25 16.46 -11.56
CA LEU H 70 13.16 16.95 -12.93
C LEU H 70 13.76 15.96 -13.92
N GLU H 71 14.83 15.26 -13.52
CA GLU H 71 15.36 14.18 -14.35
C GLU H 71 14.34 13.09 -14.55
N LEU H 72 13.68 12.67 -13.47
CA LEU H 72 12.66 11.63 -13.58
C LEU H 72 11.51 12.07 -14.49
N ALA H 73 11.04 13.31 -14.30
CA ALA H 73 9.94 13.82 -15.10
C ALA H 73 10.34 13.98 -16.57
N GLY H 74 11.56 14.43 -16.84
CA GLY H 74 12.01 14.54 -18.21
C GLY H 74 12.16 13.19 -18.89
N ASN H 75 12.68 12.19 -18.17
CA ASN H 75 12.76 10.84 -18.72
C ASN H 75 11.37 10.26 -19.00
N ALA H 76 10.41 10.53 -18.10
CA ALA H 76 9.04 10.09 -18.34
C ALA H 76 8.45 10.79 -19.55
N ALA H 77 8.74 12.07 -19.73
CA ALA H 77 8.26 12.80 -20.89
C ALA H 77 8.90 12.30 -22.18
N ARG H 78 10.15 11.83 -22.11
CA ARG H 78 10.82 11.25 -23.27
C ARG H 78 10.26 9.88 -23.63
N ASP H 79 9.95 9.06 -22.63
CA ASP H 79 9.29 7.78 -22.89
C ASP H 79 7.82 7.93 -23.26
N ASN H 80 7.22 9.10 -23.00
CA ASN H 80 5.84 9.39 -23.41
C ASN H 80 5.78 10.13 -24.74
N LYS H 81 6.94 10.52 -25.30
CA LYS H 81 7.04 11.21 -26.59
C LYS H 81 6.40 12.60 -26.54
N LYS H 82 6.75 13.36 -25.49
CA LYS H 82 6.31 14.74 -25.36
C LYS H 82 7.44 15.59 -24.83
N THR H 83 7.35 16.90 -25.09
CA THR H 83 8.36 17.84 -24.60
C THR H 83 8.07 18.28 -23.17
N ARG H 84 6.88 18.83 -22.95
CA ARG H 84 6.52 19.32 -21.62
C ARG H 84 6.21 18.16 -20.68
N ILE H 85 6.34 18.43 -19.38
CA ILE H 85 5.93 17.51 -18.33
C ILE H 85 4.61 18.01 -17.75
N ILE H 86 3.64 17.11 -17.66
CA ILE H 86 2.30 17.42 -17.18
C ILE H 86 2.12 16.67 -15.85
N PRO H 87 1.00 16.85 -15.12
CA PRO H 87 0.84 16.10 -13.86
C PRO H 87 1.00 14.59 -14.00
N ARG H 88 0.51 14.04 -15.11
CA ARG H 88 0.55 12.59 -15.32
C ARG H 88 1.99 12.09 -15.45
N HIS H 89 2.88 12.89 -16.05
CA HIS H 89 4.28 12.52 -16.11
C HIS H 89 4.90 12.42 -14.72
N LEU H 90 4.58 13.38 -13.84
CA LEU H 90 5.09 13.35 -12.47
C LEU H 90 4.54 12.13 -11.73
N GLN H 91 3.26 11.82 -11.93
CA GLN H 91 2.66 10.65 -11.29
C GLN H 91 3.35 9.36 -11.74
N LEU H 92 3.55 9.20 -13.06
CA LEU H 92 4.21 8.02 -13.59
C LEU H 92 5.69 7.97 -13.21
N ALA H 93 6.31 9.11 -12.94
CA ALA H 93 7.71 9.12 -12.52
C ALA H 93 7.87 8.69 -11.06
N ILE H 94 7.02 9.21 -10.17
CA ILE H 94 7.13 8.80 -8.77
C ILE H 94 6.55 7.41 -8.54
N ARG H 95 5.67 6.93 -9.43
CA ARG H 95 5.14 5.58 -9.30
C ARG H 95 6.22 4.55 -9.57
N ASN H 96 7.01 4.75 -10.61
CA ASN H 96 8.17 3.90 -10.85
C ASN H 96 9.38 4.40 -10.08
N ASP H 97 9.20 4.60 -8.76
CA ASP H 97 10.32 4.86 -7.86
C ASP H 97 9.84 4.49 -6.46
N GLU H 98 10.33 3.37 -5.92
CA GLU H 98 9.92 2.96 -4.59
C GLU H 98 10.39 3.93 -3.51
N GLU H 99 11.42 4.72 -3.79
CA GLU H 99 11.96 5.63 -2.82
C GLU H 99 11.28 7.00 -2.85
N LEU H 100 10.39 7.23 -3.82
CA LEU H 100 9.46 8.34 -3.78
C LEU H 100 8.04 7.91 -3.49
N ASN H 101 7.69 6.64 -3.72
CA ASN H 101 6.39 6.12 -3.30
C ASN H 101 6.37 5.84 -1.80
N LYS H 102 7.46 5.30 -1.26
CA LYS H 102 7.56 5.06 0.18
C LYS H 102 7.85 6.35 0.95
N LEU H 103 8.21 7.42 0.26
CA LEU H 103 8.49 8.71 0.89
C LEU H 103 7.30 9.67 0.75
N LEU H 104 6.88 9.97 -0.48
CA LEU H 104 5.81 10.92 -0.76
C LEU H 104 4.70 10.25 -1.55
N GLY H 105 4.42 8.98 -1.25
CA GLY H 105 3.21 8.37 -1.75
C GLY H 105 1.96 8.80 -1.02
N LYS H 106 2.13 9.42 0.16
CA LYS H 106 1.01 9.96 0.93
C LYS H 106 0.86 11.45 0.64
N VAL H 107 0.36 11.73 -0.57
CA VAL H 107 0.11 13.09 -1.03
C VAL H 107 -1.29 13.14 -1.65
N THR H 108 -1.68 14.33 -2.12
CA THR H 108 -2.97 14.53 -2.76
C THR H 108 -2.83 15.54 -3.90
N ILE H 109 -2.81 15.06 -5.14
CA ILE H 109 -2.91 15.90 -6.33
C ILE H 109 -3.56 15.09 -7.44
N ALA H 110 -4.64 15.62 -8.02
CA ALA H 110 -5.37 14.95 -9.10
C ALA H 110 -5.44 15.76 -10.39
N GLN H 111 -5.91 17.01 -10.32
CA GLN H 111 -6.06 17.84 -11.52
C GLN H 111 -6.23 19.29 -11.06
N GLY H 112 -6.56 20.17 -12.01
CA GLY H 112 -6.72 21.58 -11.70
C GLY H 112 -7.75 22.29 -12.54
#